data_5H94
#
_entry.id   5H94
#
_cell.length_a   206.453
_cell.length_b   41.471
_cell.length_c   106.735
_cell.angle_alpha   90.00
_cell.angle_beta   117.46
_cell.angle_gamma   90.00
#
_symmetry.space_group_name_H-M   'C 1 2 1'
#
loop_
_entity.id
_entity.type
_entity.pdbx_description
1 polymer 'MHC class I antigen'
2 polymer Beta-2-microglobulin
3 polymer 'Nonapeptide from Influenza A virus HA protein'
4 water water
#
loop_
_entity_poly.entity_id
_entity_poly.type
_entity_poly.pdbx_seq_one_letter_code
_entity_poly.pdbx_strand_id
1 'polypeptide(L)'
;GPHSLSYFYTAVSRPDRGDSRFIAVGYVDDTQFVRFDSDAPNPREEPRAPWIQQEGQEYWDRETQISKDNAQTYRVNLNN
LRGYYNQSEAGSHTFQNMYGCYLGPDGLLLHGYHQYAYDGADYIALNEDLRSWTAADTAAQITKRKWEASGWAEQERSYL
QGLCVESLREYLEMGKDTLQRAEPPKTHVTRHPSSDLGVTLRCWALGFYPKEISLTWQREGQDQSQDMELVETRPSGDGT
FQKWAALVVPPGEEQSYTCHVQHEGLQEPLTLRWD
;
A,D
2 'polypeptide(L)'
;VARPPKVQVYSRHPAENGKPNYLNCYVSGFHPPQIEIDLLKNGEKMNAEQSDLSFSKDWSFYLLVHTEFTPNAVDQYSCR
VKHVTLDKPKIVKWDRDH
;
B,E
3 'polypeptide(L)' KMNTQFTAV C,F
#
# COMPACT_ATOMS: atom_id res chain seq x y z
N GLY A 1 23.74 10.92 9.69
CA GLY A 1 23.37 11.79 10.82
C GLY A 1 21.92 11.73 11.08
N PRO A 2 21.45 12.72 11.88
CA PRO A 2 20.06 12.60 12.35
C PRO A 2 19.05 12.64 11.23
N HIS A 3 18.07 11.77 11.33
CA HIS A 3 16.97 11.74 10.36
C HIS A 3 16.00 12.88 10.58
N SER A 4 15.32 13.28 9.52
CA SER A 4 14.35 14.43 9.66
C SER A 4 13.17 14.24 8.77
N LEU A 5 12.04 14.85 9.27
CA LEU A 5 10.86 14.98 8.40
C LEU A 5 10.66 16.48 8.24
N SER A 6 10.46 16.89 6.98
CA SER A 6 10.28 18.31 6.66
C SER A 6 9.18 18.49 5.62
N TYR A 7 8.46 19.62 5.69
CA TYR A 7 7.60 19.97 4.63
C TYR A 7 7.96 21.33 4.03
N PHE A 8 7.61 21.50 2.77
CA PHE A 8 7.95 22.71 2.02
C PHE A 8 6.75 23.19 1.30
N TYR A 9 6.25 24.35 1.74
CA TYR A 9 5.01 24.90 1.15
C TYR A 9 5.40 26.07 0.25
N THR A 10 4.81 26.12 -0.95
CA THR A 10 4.95 27.26 -1.81
C THR A 10 3.59 27.81 -2.18
N ALA A 11 3.33 29.07 -1.83
CA ALA A 11 2.03 29.70 -2.22
C ALA A 11 2.36 30.85 -3.18
N VAL A 12 1.60 30.95 -4.28
CA VAL A 12 1.78 32.05 -5.24
C VAL A 12 0.46 32.70 -5.49
N SER A 13 0.43 34.04 -5.52
CA SER A 13 -0.84 34.71 -5.90
C SER A 13 -0.99 34.72 -7.44
N ARG A 14 -2.23 34.76 -7.93
CA ARG A 14 -2.46 34.71 -9.35
C ARG A 14 -3.57 35.75 -9.64
N PRO A 15 -3.19 37.03 -9.74
CA PRO A 15 -4.18 38.09 -9.88
C PRO A 15 -5.12 37.84 -11.09
N ASP A 16 -4.53 37.34 -12.19
CA ASP A 16 -5.32 37.06 -13.38
C ASP A 16 -6.46 35.99 -13.19
N ARG A 17 -6.26 35.02 -12.31
CA ARG A 17 -7.19 33.89 -12.08
C ARG A 17 -8.09 34.29 -10.91
N GLY A 18 -7.83 35.46 -10.28
CA GLY A 18 -8.52 35.89 -9.04
C GLY A 18 -8.29 34.96 -7.81
N ASP A 19 -7.15 34.25 -7.76
CA ASP A 19 -6.98 33.30 -6.68
C ASP A 19 -5.48 33.11 -6.36
N SER A 20 -5.14 31.98 -5.77
CA SER A 20 -3.78 31.68 -5.39
C SER A 20 -3.61 30.19 -5.64
N ARG A 21 -2.34 29.77 -5.77
CA ARG A 21 -2.04 28.35 -5.90
C ARG A 21 -1.12 27.92 -4.79
N PHE A 22 -1.42 26.80 -4.15
CA PHE A 22 -0.73 26.34 -2.99
C PHE A 22 -0.23 24.95 -3.24
N ILE A 23 1.12 24.77 -3.11
CA ILE A 23 1.69 23.42 -3.32
C ILE A 23 2.45 23.03 -2.07
N ALA A 24 2.36 21.78 -1.64
CA ALA A 24 3.04 21.38 -0.42
C ALA A 24 3.66 20.01 -0.69
N VAL A 25 4.95 19.86 -0.37
CA VAL A 25 5.59 18.51 -0.53
C VAL A 25 6.22 18.15 0.80
N GLY A 26 6.28 16.86 1.11
CA GLY A 26 6.91 16.37 2.30
C GLY A 26 8.13 15.47 1.90
N TYR A 27 9.11 15.55 2.79
CA TYR A 27 10.36 14.72 2.63
C TYR A 27 10.70 14.05 3.92
N VAL A 28 11.21 12.80 3.83
CA VAL A 28 11.95 12.26 4.94
C VAL A 28 13.44 12.28 4.44
N ASP A 29 14.26 12.98 5.20
CA ASP A 29 15.73 13.13 4.75
C ASP A 29 15.64 13.61 3.29
N ASP A 30 16.36 12.91 2.36
CA ASP A 30 16.39 13.33 0.98
C ASP A 30 15.40 12.72 0.05
N THR A 31 14.31 12.16 0.64
CA THR A 31 13.29 11.37 -0.14
C THR A 31 11.94 12.02 -0.07
N GLN A 32 11.45 12.49 -1.19
CA GLN A 32 10.02 13.04 -1.21
C GLN A 32 9.08 11.90 -1.03
N PHE A 33 7.95 12.13 -0.27
CA PHE A 33 6.99 11.01 -0.12
C PHE A 33 5.50 11.44 -0.23
N VAL A 34 5.21 12.72 -0.23
CA VAL A 34 3.80 13.18 -0.41
C VAL A 34 3.74 14.52 -1.16
N ARG A 35 2.61 14.83 -1.78
CA ARG A 35 2.43 16.15 -2.37
C ARG A 35 0.96 16.59 -2.22
N PHE A 36 0.73 17.87 -2.40
CA PHE A 36 -0.63 18.41 -2.55
C PHE A 36 -0.50 19.59 -3.51
N ASP A 37 -1.44 19.71 -4.42
CA ASP A 37 -1.42 20.88 -5.33
C ASP A 37 -2.89 21.36 -5.32
N SER A 38 -3.14 22.62 -4.93
CA SER A 38 -4.52 23.14 -4.80
C SER A 38 -5.20 23.35 -6.17
N ASP A 39 -4.44 23.32 -7.26
CA ASP A 39 -4.97 23.72 -8.61
C ASP A 39 -5.71 22.56 -9.33
N ALA A 40 -6.79 22.11 -8.72
CA ALA A 40 -7.68 21.01 -9.22
C ALA A 40 -9.03 21.25 -8.57
N PRO A 41 -10.16 20.75 -9.20
CA PRO A 41 -11.46 20.92 -8.63
C PRO A 41 -11.62 20.17 -7.32
N ASN A 42 -10.96 19.00 -7.17
CA ASN A 42 -11.13 18.16 -5.98
C ASN A 42 -9.77 17.64 -5.42
N PRO A 43 -8.86 18.59 -5.03
CA PRO A 43 -7.48 18.19 -4.71
C PRO A 43 -7.37 17.31 -3.46
N ARG A 44 -6.49 16.34 -3.53
CA ARG A 44 -6.26 15.43 -2.40
C ARG A 44 -4.72 15.39 -2.15
N GLU A 45 -4.35 15.18 -0.91
CA GLU A 45 -2.96 14.77 -0.62
C GLU A 45 -2.71 13.46 -1.34
N GLU A 46 -1.49 13.31 -1.93
CA GLU A 46 -1.20 12.17 -2.74
C GLU A 46 0.19 11.55 -2.42
N PRO A 47 0.31 10.24 -2.53
CA PRO A 47 1.57 9.55 -2.22
C PRO A 47 2.59 9.83 -3.39
N ARG A 48 3.84 10.04 -2.96
CA ARG A 48 4.96 10.26 -3.95
C ARG A 48 6.12 9.38 -3.64
N ALA A 49 5.97 8.39 -2.76
CA ALA A 49 6.97 7.31 -2.51
C ALA A 49 6.25 6.02 -2.39
N PRO A 50 6.80 4.92 -2.76
CA PRO A 50 6.01 3.66 -2.76
C PRO A 50 5.65 3.25 -1.33
N TRP A 51 6.47 3.54 -0.31
CA TRP A 51 6.29 3.03 1.02
C TRP A 51 5.24 3.78 1.81
N ILE A 52 4.75 4.95 1.36
CA ILE A 52 3.72 5.66 2.08
C ILE A 52 2.35 5.13 1.68
N GLN A 53 2.28 4.44 0.55
CA GLN A 53 1.01 4.14 -0.08
C GLN A 53 0.22 3.21 0.77
N GLN A 54 0.85 2.44 1.66
CA GLN A 54 0.10 1.56 2.54
C GLN A 54 -0.72 2.31 3.62
N GLU A 55 -0.48 3.62 3.81
CA GLU A 55 -1.33 4.40 4.77
C GLU A 55 -2.81 4.30 4.41
N GLY A 56 -3.61 4.13 5.46
CA GLY A 56 -5.09 3.99 5.33
C GLY A 56 -5.79 5.27 4.94
N GLN A 57 -7.10 5.12 4.67
CA GLN A 57 -7.97 6.27 4.32
C GLN A 57 -7.89 7.39 5.34
N GLU A 58 -7.84 7.05 6.64
CA GLU A 58 -7.85 8.17 7.62
C GLU A 58 -6.57 9.06 7.52
N TYR A 59 -5.45 8.42 7.18
CA TYR A 59 -4.21 9.23 6.98
C TYR A 59 -4.46 10.22 5.88
N TRP A 60 -4.88 9.76 4.73
CA TRP A 60 -5.10 10.61 3.57
C TRP A 60 -6.14 11.69 3.79
N ASP A 61 -7.19 11.31 4.53
CA ASP A 61 -8.22 12.33 4.79
C ASP A 61 -7.71 13.44 5.68
N ARG A 62 -6.95 13.09 6.73
CA ARG A 62 -6.43 14.15 7.59
C ARG A 62 -5.50 15.10 6.80
N GLU A 63 -4.59 14.47 6.05
CA GLU A 63 -3.58 15.31 5.34
C GLU A 63 -4.25 16.19 4.30
N THR A 64 -5.27 15.63 3.61
CA THR A 64 -5.96 16.41 2.58
C THR A 64 -6.64 17.62 3.26
N GLN A 65 -7.32 17.34 4.40
CA GLN A 65 -8.00 18.46 5.03
C GLN A 65 -7.03 19.56 5.55
N ILE A 66 -5.86 19.14 6.10
CA ILE A 66 -4.85 20.14 6.48
C ILE A 66 -4.47 20.98 5.25
N SER A 67 -4.26 20.28 4.13
CA SER A 67 -3.84 20.98 2.91
C SER A 67 -4.88 21.97 2.40
N LYS A 68 -6.13 21.56 2.44
CA LYS A 68 -7.23 22.48 2.04
C LYS A 68 -7.28 23.67 2.96
N ASP A 69 -7.17 23.43 4.26
CA ASP A 69 -7.12 24.55 5.20
C ASP A 69 -5.90 25.48 4.93
N ASN A 70 -4.74 24.83 4.65
CA ASN A 70 -3.56 25.65 4.33
C ASN A 70 -3.76 26.50 3.14
N ALA A 71 -4.34 25.93 2.10
CA ALA A 71 -4.54 26.71 0.88
C ALA A 71 -5.31 28.02 1.18
N GLN A 72 -6.32 27.98 2.12
CA GLN A 72 -6.99 29.18 2.51
C GLN A 72 -6.16 30.09 3.35
N THR A 73 -5.47 29.53 4.34
CA THR A 73 -4.62 30.39 5.19
C THR A 73 -3.54 31.17 4.28
N TYR A 74 -2.94 30.47 3.32
CA TYR A 74 -1.94 31.08 2.48
C TYR A 74 -2.54 32.05 1.49
N ARG A 75 -3.79 31.84 1.05
CA ARG A 75 -4.45 32.85 0.23
C ARG A 75 -4.56 34.15 1.03
N VAL A 76 -4.98 34.06 2.29
CA VAL A 76 -5.08 35.25 3.13
C VAL A 76 -3.67 35.83 3.40
N ASN A 77 -2.69 34.93 3.60
CA ASN A 77 -1.31 35.44 3.86
C ASN A 77 -0.82 36.26 2.71
N LEU A 78 -1.07 35.80 1.49
CA LEU A 78 -0.62 36.60 0.30
C LEU A 78 -1.30 37.94 0.24
N ASN A 79 -2.59 38.02 0.59
CA ASN A 79 -3.21 39.34 0.56
C ASN A 79 -2.69 40.22 1.69
N ASN A 80 -2.44 39.67 2.87
CA ASN A 80 -1.93 40.48 4.01
C ASN A 80 -0.53 41.00 3.70
N LEU A 81 0.29 40.16 3.05
CA LEU A 81 1.68 40.61 2.75
C LEU A 81 1.61 41.72 1.75
N ARG A 82 0.79 41.55 0.72
CA ARG A 82 0.59 42.62 -0.30
C ARG A 82 0.24 43.96 0.40
N GLY A 83 -0.64 43.85 1.39
CA GLY A 83 -0.97 45.06 2.16
C GLY A 83 0.18 45.63 3.02
N TYR A 84 0.88 44.75 3.74
CA TYR A 84 2.01 45.23 4.56
C TYR A 84 3.05 46.00 3.73
N TYR A 85 3.33 45.55 2.49
CA TYR A 85 4.35 46.15 1.69
C TYR A 85 3.75 47.18 0.68
N ASN A 86 2.41 47.42 0.82
CA ASN A 86 1.74 48.39 -0.08
C ASN A 86 2.06 48.08 -1.57
N GLN A 87 1.96 46.79 -1.94
CA GLN A 87 2.32 46.37 -3.30
C GLN A 87 1.10 46.42 -4.20
N SER A 88 1.36 46.51 -5.49
CA SER A 88 0.30 46.57 -6.50
C SER A 88 -0.51 45.26 -6.50
N GLU A 89 -1.82 45.32 -6.80
CA GLU A 89 -2.62 44.06 -7.02
C GLU A 89 -2.30 43.39 -8.39
N ALA A 90 -1.48 44.03 -9.21
CA ALA A 90 -1.18 43.58 -10.58
C ALA A 90 -0.30 42.36 -10.53
N GLY A 91 0.56 42.25 -9.51
CA GLY A 91 1.71 41.33 -9.59
C GLY A 91 1.48 40.03 -8.80
N SER A 92 2.13 38.94 -9.24
CA SER A 92 2.22 37.71 -8.47
C SER A 92 3.33 37.79 -7.43
N HIS A 93 3.10 37.26 -6.24
CA HIS A 93 4.08 37.17 -5.18
C HIS A 93 4.14 35.77 -4.66
N THR A 94 5.20 35.44 -3.91
CA THR A 94 5.45 34.10 -3.49
C THR A 94 5.69 34.12 -1.96
N PHE A 95 5.03 33.17 -1.24
CA PHE A 95 5.26 33.01 0.18
C PHE A 95 5.57 31.55 0.43
N GLN A 96 6.72 31.28 1.08
CA GLN A 96 7.14 29.92 1.32
C GLN A 96 7.29 29.69 2.77
N ASN A 97 7.02 28.43 3.18
CA ASN A 97 7.20 27.99 4.52
C ASN A 97 7.94 26.65 4.49
N MET A 98 8.89 26.49 5.42
CA MET A 98 9.48 25.14 5.59
C MET A 98 9.55 24.89 7.05
N TYR A 99 9.24 23.66 7.45
CA TYR A 99 9.37 23.30 8.87
C TYR A 99 9.67 21.84 8.97
N GLY A 100 10.12 21.43 10.13
CA GLY A 100 10.42 20.02 10.28
C GLY A 100 11.08 19.71 11.59
N CYS A 101 11.39 18.43 11.78
CA CYS A 101 11.96 17.93 13.05
C CYS A 101 13.10 16.96 12.73
N TYR A 102 14.16 17.09 13.52
CA TYR A 102 15.22 16.06 13.51
C TYR A 102 15.12 15.18 14.71
N LEU A 103 15.46 13.88 14.51
CA LEU A 103 15.25 12.87 15.52
C LEU A 103 16.59 12.64 16.26
N GLY A 104 16.55 12.71 17.58
CA GLY A 104 17.64 12.58 18.49
C GLY A 104 17.97 11.12 18.78
N PRO A 105 19.07 10.88 19.46
CA PRO A 105 19.50 9.50 19.75
C PRO A 105 18.62 8.75 20.74
N ASP A 106 17.75 9.44 21.47
CA ASP A 106 16.85 8.82 22.41
C ASP A 106 15.46 8.67 21.79
N GLY A 107 15.35 8.98 20.51
CA GLY A 107 14.07 8.94 19.78
C GLY A 107 13.09 10.12 20.09
N LEU A 108 13.62 11.20 20.67
CA LEU A 108 12.86 12.42 20.90
C LEU A 108 13.38 13.52 19.97
N LEU A 109 12.70 14.65 19.95
CA LEU A 109 13.09 15.78 19.13
C LEU A 109 14.54 16.21 19.42
N LEU A 110 15.36 16.23 18.42
CA LEU A 110 16.71 16.82 18.54
C LEU A 110 16.64 18.33 18.25
N HIS A 111 15.99 18.66 17.15
CA HIS A 111 15.91 20.04 16.74
C HIS A 111 14.67 20.22 15.89
N GLY A 112 13.86 21.25 16.20
CA GLY A 112 12.75 21.57 15.30
C GLY A 112 12.95 22.97 14.69
N TYR A 113 12.40 23.22 13.51
CA TYR A 113 12.52 24.50 12.90
C TYR A 113 11.24 24.81 12.15
N HIS A 114 11.02 26.12 11.93
CA HIS A 114 9.85 26.52 11.21
C HIS A 114 9.97 27.94 10.74
N GLN A 115 9.96 28.15 9.43
CA GLN A 115 10.33 29.51 8.97
C GLN A 115 9.67 29.82 7.64
N TYR A 116 9.73 31.14 7.28
CA TYR A 116 9.03 31.63 6.10
C TYR A 116 9.89 32.59 5.29
N ALA A 117 9.52 32.74 4.03
CA ALA A 117 10.16 33.75 3.16
C ALA A 117 9.12 34.36 2.25
N TYR A 118 9.23 35.66 1.97
CA TYR A 118 8.37 36.31 1.02
C TYR A 118 9.21 36.85 -0.16
N ASP A 119 8.79 36.46 -1.38
CA ASP A 119 9.56 36.76 -2.62
C ASP A 119 11.03 36.42 -2.38
N GLY A 120 11.27 35.30 -1.70
CA GLY A 120 12.61 34.72 -1.51
C GLY A 120 13.45 35.32 -0.42
N ALA A 121 12.91 36.31 0.32
CA ALA A 121 13.66 36.98 1.40
C ALA A 121 13.12 36.40 2.74
N ASP A 122 14.00 36.12 3.70
CA ASP A 122 13.59 35.69 5.04
C ASP A 122 12.55 36.63 5.64
N TYR A 123 11.46 36.05 6.24
CA TYR A 123 10.40 36.87 6.81
C TYR A 123 10.34 36.66 8.32
N ILE A 124 10.03 35.42 8.74
CA ILE A 124 9.93 35.17 10.19
C ILE A 124 10.34 33.70 10.44
N ALA A 125 10.83 33.44 11.66
CA ALA A 125 11.26 32.10 12.02
C ALA A 125 11.02 31.79 13.48
N LEU A 126 10.72 30.52 13.75
CA LEU A 126 10.52 30.06 15.14
C LEU A 126 11.90 29.98 15.80
N ASN A 127 11.99 30.46 17.04
CA ASN A 127 13.24 30.38 17.85
C ASN A 127 13.51 28.97 18.34
N GLU A 128 14.66 28.78 18.99
CA GLU A 128 15.10 27.48 19.54
C GLU A 128 14.20 26.95 20.62
N ASP A 129 13.60 27.82 21.44
CA ASP A 129 12.70 27.41 22.50
C ASP A 129 11.36 26.84 21.96
N LEU A 130 11.16 27.03 20.63
CA LEU A 130 9.94 26.68 19.93
C LEU A 130 8.69 27.43 20.48
N ARG A 131 8.85 28.55 21.20
CA ARG A 131 7.68 29.19 21.86
C ARG A 131 7.64 30.65 21.49
N SER A 132 8.51 31.06 20.60
CA SER A 132 8.68 32.52 20.27
C SER A 132 9.26 32.72 18.87
N TRP A 133 9.10 33.92 18.32
CA TRP A 133 9.44 34.18 16.93
C TRP A 133 10.52 35.27 16.78
N THR A 134 11.30 35.16 15.73
CA THR A 134 12.26 36.26 15.35
C THR A 134 11.83 36.77 13.98
N ALA A 135 11.59 38.07 13.94
CA ALA A 135 11.22 38.75 12.69
C ALA A 135 12.44 39.24 11.95
N ALA A 136 12.50 38.98 10.63
CA ALA A 136 13.61 39.46 9.78
C ALA A 136 13.37 40.88 9.29
N ASP A 137 12.10 41.33 9.22
CA ASP A 137 11.85 42.69 8.74
C ASP A 137 10.67 43.29 9.50
N THR A 138 10.29 44.49 9.11
CA THR A 138 9.30 45.20 9.85
C THR A 138 7.87 44.66 9.74
N ALA A 139 7.49 44.24 8.52
CA ALA A 139 6.18 43.61 8.37
C ALA A 139 6.13 42.38 9.28
N ALA A 140 7.21 41.62 9.34
CA ALA A 140 7.19 40.38 10.18
C ALA A 140 7.15 40.75 11.66
N GLN A 141 7.58 41.97 12.05
CA GLN A 141 7.47 42.41 13.43
C GLN A 141 5.97 42.54 13.75
N ILE A 142 5.17 43.02 12.80
CA ILE A 142 3.69 43.14 13.07
C ILE A 142 3.14 41.73 13.12
N THR A 143 3.52 40.80 12.24
CA THR A 143 3.12 39.42 12.31
C THR A 143 3.46 38.80 13.66
N LYS A 144 4.68 39.06 14.12
CA LYS A 144 5.15 38.56 15.39
C LYS A 144 4.23 38.96 16.57
N ARG A 145 3.87 40.23 16.64
CA ARG A 145 2.92 40.69 17.69
C ARG A 145 1.57 40.04 17.53
N LYS A 146 1.06 39.88 16.30
CA LYS A 146 -0.25 39.21 16.15
C LYS A 146 -0.16 37.76 16.59
N TRP A 147 0.97 37.13 16.30
CA TRP A 147 1.12 35.71 16.62
C TRP A 147 1.35 35.49 18.10
N GLU A 148 1.97 36.47 18.76
CA GLU A 148 2.11 36.37 20.24
C GLU A 148 0.74 36.48 20.88
N ALA A 149 -0.13 37.37 20.34
CA ALA A 149 -1.44 37.50 20.89
C ALA A 149 -2.26 36.20 20.63
N SER A 150 -2.05 35.58 19.47
CA SER A 150 -2.74 34.31 19.12
C SER A 150 -2.25 33.21 20.06
N GLY A 151 -0.91 33.17 20.28
CA GLY A 151 -0.28 32.14 21.10
C GLY A 151 -0.06 30.82 20.34
N TRP A 152 -0.23 30.78 19.01
CA TRP A 152 -0.24 29.48 18.32
C TRP A 152 1.13 28.78 18.34
N ALA A 153 2.23 29.51 18.58
CA ALA A 153 3.57 28.84 18.74
C ALA A 153 3.58 27.72 19.77
N GLU A 154 2.67 27.81 20.80
CA GLU A 154 2.57 26.69 21.81
C GLU A 154 2.11 25.36 21.13
N GLN A 155 1.21 25.51 20.18
CA GLN A 155 0.67 24.32 19.42
C GLN A 155 1.66 23.84 18.38
N GLU A 156 2.47 24.77 17.85
CA GLU A 156 3.58 24.32 16.92
C GLU A 156 4.66 23.62 17.70
N ARG A 157 5.00 24.09 18.87
CA ARG A 157 5.90 23.34 19.75
C ARG A 157 5.40 21.94 20.06
N SER A 158 4.11 21.87 20.39
CA SER A 158 3.45 20.59 20.62
C SER A 158 3.58 19.65 19.39
N TYR A 159 3.37 20.21 18.18
CA TYR A 159 3.51 19.41 16.96
C TYR A 159 5.01 18.96 16.78
N LEU A 160 5.89 19.89 16.97
CA LEU A 160 7.35 19.51 16.57
C LEU A 160 7.91 18.47 17.54
N GLN A 161 7.53 18.56 18.81
CA GLN A 161 8.03 17.60 19.82
C GLN A 161 7.21 16.30 19.86
N GLY A 162 6.01 16.33 19.29
CA GLY A 162 5.04 15.23 19.36
C GLY A 162 4.84 14.57 18.01
N LEU A 163 3.78 14.98 17.31
CA LEU A 163 3.37 14.33 16.09
C LEU A 163 4.54 14.31 15.01
N CYS A 164 5.29 15.43 14.91
CA CYS A 164 6.33 15.43 13.88
C CYS A 164 7.28 14.23 14.16
N VAL A 165 7.82 14.14 15.37
CA VAL A 165 8.75 13.05 15.71
C VAL A 165 8.09 11.69 15.63
N GLU A 166 6.84 11.56 16.12
CA GLU A 166 6.17 10.29 16.11
C GLU A 166 5.94 9.83 14.68
N SER A 167 5.48 10.70 13.77
CA SER A 167 5.26 10.27 12.38
C SER A 167 6.59 9.94 11.67
N LEU A 168 7.58 10.78 11.95
CA LEU A 168 8.95 10.46 11.31
C LEU A 168 9.40 9.09 11.69
N ARG A 169 9.22 8.73 12.99
CA ARG A 169 9.58 7.36 13.43
C ARG A 169 8.80 6.29 12.67
N GLU A 170 7.52 6.57 12.42
CA GLU A 170 6.72 5.60 11.67
C GLU A 170 7.19 5.49 10.20
N TYR A 171 7.44 6.64 9.58
CA TYR A 171 7.92 6.62 8.19
C TYR A 171 9.27 5.90 8.08
N LEU A 172 10.14 6.09 9.09
CA LEU A 172 11.48 5.43 9.05
C LEU A 172 11.30 3.93 9.06
N GLU A 173 10.32 3.43 9.85
CA GLU A 173 10.08 1.99 9.93
C GLU A 173 9.46 1.47 8.59
N MET A 174 8.43 2.16 8.08
CA MET A 174 7.70 1.76 6.86
C MET A 174 8.68 1.72 5.63
N GLY A 175 9.57 2.72 5.53
CA GLY A 175 10.46 2.78 4.39
C GLY A 175 11.86 2.35 4.82
N LYS A 176 12.02 1.57 5.88
CA LYS A 176 13.40 1.33 6.42
C LYS A 176 14.40 0.81 5.40
N ASP A 177 13.98 -0.06 4.48
CA ASP A 177 14.96 -0.65 3.58
C ASP A 177 15.55 0.31 2.59
N THR A 178 14.95 1.51 2.37
CA THR A 178 15.59 2.56 1.59
C THR A 178 15.97 3.73 2.48
N LEU A 179 15.09 4.16 3.38
CA LEU A 179 15.38 5.34 4.19
C LEU A 179 16.48 5.08 5.24
N GLN A 180 16.68 3.85 5.71
CA GLN A 180 17.71 3.58 6.74
C GLN A 180 18.85 2.75 6.19
N ARG A 181 19.02 2.82 4.88
CA ARG A 181 20.13 2.09 4.23
C ARG A 181 20.92 3.10 3.38
N ALA A 182 22.20 3.21 3.66
CA ALA A 182 22.99 4.12 2.85
C ALA A 182 23.44 3.36 1.60
N GLU A 183 23.12 3.85 0.40
CA GLU A 183 23.38 3.15 -0.85
C GLU A 183 24.70 3.81 -1.33
N PRO A 184 25.76 3.00 -1.46
CA PRO A 184 27.07 3.61 -1.84
C PRO A 184 27.04 4.02 -3.32
N PRO A 185 27.84 4.99 -3.67
CA PRO A 185 27.96 5.41 -5.06
C PRO A 185 28.62 4.29 -5.90
N LYS A 186 28.18 4.09 -7.13
CA LYS A 186 29.00 3.35 -8.14
C LYS A 186 29.87 4.41 -8.80
N THR A 187 31.15 4.09 -8.85
CA THR A 187 32.15 5.11 -9.33
C THR A 187 32.93 4.69 -10.54
N HIS A 188 33.38 5.70 -11.26
CA HIS A 188 34.41 5.45 -12.28
C HIS A 188 35.04 6.75 -12.69
N VAL A 189 36.24 6.60 -13.28
CA VAL A 189 36.94 7.76 -13.85
C VAL A 189 36.95 7.66 -15.39
N THR A 190 36.61 8.73 -16.09
CA THR A 190 36.70 8.75 -17.53
C THR A 190 37.81 9.73 -17.94
N ARG A 191 38.27 9.58 -19.17
CA ARG A 191 39.37 10.41 -19.64
C ARG A 191 39.02 10.93 -21.03
N HIS A 192 39.23 12.24 -21.22
CA HIS A 192 38.86 12.94 -22.48
C HIS A 192 40.08 13.76 -22.87
N PRO A 193 40.95 13.26 -23.82
CA PRO A 193 42.07 14.12 -24.34
C PRO A 193 41.37 15.30 -25.03
N SER A 194 41.62 16.52 -24.50
CA SER A 194 40.79 17.76 -24.66
C SER A 194 41.54 18.86 -25.44
N SER A 195 42.79 19.05 -25.04
CA SER A 195 43.59 20.21 -25.48
C SER A 195 44.89 19.71 -26.10
N ASP A 196 45.53 20.53 -26.93
CA ASP A 196 46.84 20.11 -27.39
C ASP A 196 47.63 19.67 -26.13
N LEU A 197 47.55 20.52 -25.06
CA LEU A 197 48.20 20.23 -23.78
C LEU A 197 47.23 20.18 -22.57
N GLY A 198 46.08 19.48 -22.70
CA GLY A 198 45.42 18.99 -21.53
C GLY A 198 44.49 17.78 -21.72
N VAL A 199 44.44 16.94 -20.70
CA VAL A 199 43.57 15.73 -20.71
C VAL A 199 42.55 15.98 -19.55
N THR A 200 41.24 15.81 -19.82
CA THR A 200 40.27 15.98 -18.76
C THR A 200 40.01 14.61 -18.12
N LEU A 201 40.17 14.53 -16.80
CA LEU A 201 39.82 13.32 -16.07
C LEU A 201 38.50 13.67 -15.28
N ARG A 202 37.49 12.78 -15.35
CA ARG A 202 36.22 13.12 -14.64
C ARG A 202 35.96 11.93 -13.73
N CYS A 203 35.72 12.25 -12.44
CA CYS A 203 35.50 11.24 -11.46
C CYS A 203 33.97 11.27 -11.10
N TRP A 204 33.36 10.15 -11.40
CA TRP A 204 31.83 10.06 -11.22
C TRP A 204 31.45 9.28 -10.04
N ALA A 205 30.34 9.73 -9.39
CA ALA A 205 29.68 8.93 -8.29
C ALA A 205 28.19 8.85 -8.68
N LEU A 206 27.73 7.63 -8.90
CA LEU A 206 26.34 7.45 -9.46
C LEU A 206 25.58 6.57 -8.49
N GLY A 207 24.31 6.95 -8.26
CA GLY A 207 23.38 6.02 -7.56
C GLY A 207 23.51 6.01 -6.06
N PHE A 208 23.98 7.09 -5.45
CA PHE A 208 24.26 7.08 -4.02
C PHE A 208 23.02 7.70 -3.24
N TYR A 209 22.93 7.23 -1.99
CA TYR A 209 21.91 7.83 -1.08
C TYR A 209 22.49 7.66 0.32
N PRO A 210 22.42 8.66 1.21
CA PRO A 210 21.76 9.97 1.02
C PRO A 210 22.66 10.93 0.21
N LYS A 211 22.28 12.18 0.06
CA LYS A 211 22.83 13.12 -0.88
C LYS A 211 24.20 13.56 -0.49
N GLU A 212 24.53 13.57 0.78
CA GLU A 212 25.87 14.08 1.26
C GLU A 212 27.00 13.20 0.67
N ILE A 213 27.98 13.87 0.03
CA ILE A 213 29.14 13.12 -0.51
C ILE A 213 30.26 14.12 -0.62
N SER A 214 31.48 13.54 -0.58
CA SER A 214 32.72 14.36 -0.83
C SER A 214 33.46 13.74 -2.01
N LEU A 215 33.59 14.54 -3.08
CA LEU A 215 34.43 14.12 -4.21
C LEU A 215 35.56 15.16 -4.29
N THR A 216 36.76 14.64 -4.25
CA THR A 216 37.93 15.54 -4.35
C THR A 216 39.01 14.97 -5.25
N TRP A 217 39.82 15.84 -5.88
CA TRP A 217 40.99 15.37 -6.66
C TRP A 217 42.26 15.81 -5.97
N GLN A 218 43.29 14.95 -6.06
CA GLN A 218 44.58 15.25 -5.48
C GLN A 218 45.64 15.01 -6.55
N ARG A 219 46.71 15.78 -6.46
CA ARG A 219 47.96 15.48 -7.20
C ARG A 219 48.99 15.10 -6.16
N GLU A 220 49.41 13.84 -6.17
CA GLU A 220 50.35 13.30 -5.17
C GLU A 220 49.94 13.72 -3.79
N GLY A 221 48.65 13.50 -3.45
CA GLY A 221 48.18 13.80 -2.11
C GLY A 221 47.82 15.25 -1.81
N GLN A 222 48.05 16.15 -2.74
CA GLN A 222 47.79 17.57 -2.57
C GLN A 222 46.44 17.97 -3.20
N ASP A 223 45.52 18.52 -2.39
CA ASP A 223 44.19 18.88 -2.91
C ASP A 223 44.16 19.85 -4.10
N GLN A 224 43.32 19.53 -5.09
CA GLN A 224 43.23 20.31 -6.36
C GLN A 224 41.91 21.06 -6.52
N SER A 225 41.21 21.35 -5.40
CA SER A 225 39.83 21.90 -5.49
C SER A 225 39.80 23.21 -6.26
N GLN A 226 40.85 24.01 -6.10
CA GLN A 226 40.93 25.30 -6.75
C GLN A 226 40.90 25.17 -8.26
N ASP A 227 41.37 24.03 -8.76
CA ASP A 227 41.27 23.87 -10.17
C ASP A 227 40.20 22.88 -10.71
N MET A 228 39.35 22.27 -9.89
CA MET A 228 38.48 21.27 -10.43
C MET A 228 37.10 21.84 -10.74
N GLU A 229 36.35 21.23 -11.66
CA GLU A 229 34.96 21.61 -11.86
C GLU A 229 34.15 20.56 -11.10
N LEU A 230 33.30 21.06 -10.21
CA LEU A 230 32.46 20.19 -9.37
C LEU A 230 30.98 20.51 -9.64
N VAL A 231 30.20 19.55 -10.18
CA VAL A 231 28.80 19.87 -10.45
C VAL A 231 27.96 19.71 -9.21
N GLU A 232 26.86 20.48 -9.18
CA GLU A 232 25.90 20.37 -8.09
C GLU A 232 25.31 18.95 -8.06
N THR A 233 25.19 18.37 -6.85
CA THR A 233 24.63 17.01 -6.75
C THR A 233 23.20 17.01 -7.35
N ARG A 234 22.87 15.97 -8.10
CA ARG A 234 21.67 15.99 -8.91
C ARG A 234 20.96 14.62 -8.80
N PRO A 235 19.61 14.60 -8.89
CA PRO A 235 18.90 13.35 -8.71
C PRO A 235 19.05 12.42 -9.88
N SER A 236 19.14 11.12 -9.59
CA SER A 236 19.22 10.11 -10.68
C SER A 236 17.87 9.86 -11.32
N GLY A 237 16.77 10.12 -10.53
CA GLY A 237 15.38 9.87 -11.01
C GLY A 237 14.80 8.65 -10.34
N ASP A 238 15.58 7.88 -9.63
CA ASP A 238 15.11 6.71 -8.92
C ASP A 238 15.23 6.88 -7.41
N GLY A 239 15.41 8.09 -6.92
CA GLY A 239 15.57 8.26 -5.52
C GLY A 239 16.98 8.30 -5.01
N THR A 240 17.92 8.11 -5.95
CA THR A 240 19.34 8.26 -5.57
C THR A 240 19.88 9.53 -6.26
N PHE A 241 21.20 9.73 -6.14
CA PHE A 241 21.83 10.98 -6.60
C PHE A 241 23.11 10.67 -7.36
N GLN A 242 23.55 11.69 -8.07
CA GLN A 242 24.80 11.57 -8.83
C GLN A 242 25.56 12.87 -8.65
N LYS A 243 26.89 12.76 -8.90
CA LYS A 243 27.75 13.95 -8.89
C LYS A 243 29.07 13.58 -9.65
N TRP A 244 29.74 14.60 -10.20
CA TRP A 244 31.11 14.33 -10.77
C TRP A 244 31.97 15.50 -10.47
N ALA A 245 33.26 15.24 -10.59
CA ALA A 245 34.29 16.27 -10.39
C ALA A 245 35.39 15.99 -11.47
N ALA A 246 35.76 17.08 -12.15
CA ALA A 246 36.70 16.89 -13.30
C ALA A 246 37.80 17.91 -13.14
N LEU A 247 38.94 17.52 -13.73
CA LEU A 247 40.05 18.47 -13.80
C LEU A 247 40.96 18.17 -14.98
N VAL A 248 41.62 19.19 -15.47
CA VAL A 248 42.47 19.00 -16.67
C VAL A 248 43.87 18.78 -16.15
N VAL A 249 44.48 17.73 -16.64
CA VAL A 249 45.88 17.40 -16.26
C VAL A 249 46.78 17.40 -17.50
N PRO A 250 48.09 17.58 -17.28
CA PRO A 250 49.02 17.68 -18.44
C PRO A 250 49.09 16.33 -19.14
N PRO A 251 49.36 16.35 -20.46
CA PRO A 251 49.44 15.06 -21.18
C PRO A 251 50.51 14.12 -20.59
N GLY A 252 50.18 12.86 -20.40
CA GLY A 252 51.15 11.87 -19.90
C GLY A 252 51.28 11.87 -18.39
N GLU A 253 50.53 12.73 -17.65
CA GLU A 253 50.74 12.84 -16.20
C GLU A 253 49.51 12.29 -15.39
N GLU A 254 48.79 11.45 -16.07
CA GLU A 254 47.52 10.93 -15.40
C GLU A 254 47.84 10.20 -14.10
N GLN A 255 48.93 9.44 -14.07
CA GLN A 255 49.31 8.65 -12.88
C GLN A 255 49.63 9.54 -11.66
N SER A 256 49.84 10.85 -11.83
CA SER A 256 50.12 11.70 -10.68
C SER A 256 48.83 12.11 -9.88
N TYR A 257 47.65 11.68 -10.33
CA TYR A 257 46.41 12.24 -9.76
C TYR A 257 45.50 11.11 -9.24
N THR A 258 44.74 11.46 -8.20
CA THR A 258 43.75 10.52 -7.64
C THR A 258 42.47 11.27 -7.33
N CYS A 259 41.37 10.50 -7.43
CA CYS A 259 40.02 11.05 -6.99
C CYS A 259 39.66 10.35 -5.72
N HIS A 260 39.25 11.11 -4.72
CA HIS A 260 38.93 10.51 -3.44
C HIS A 260 37.37 10.63 -3.22
N VAL A 261 36.79 9.47 -3.00
CA VAL A 261 35.28 9.50 -2.83
C VAL A 261 34.96 9.06 -1.43
N GLN A 262 34.24 9.96 -0.76
CA GLN A 262 33.88 9.72 0.65
C GLN A 262 32.31 9.79 0.71
N HIS A 263 31.75 8.64 1.13
CA HIS A 263 30.26 8.57 1.26
C HIS A 263 29.97 7.55 2.31
N GLU A 264 28.93 7.79 3.13
CA GLU A 264 28.62 6.94 4.30
C GLU A 264 28.24 5.51 3.90
N GLY A 265 27.77 5.31 2.66
CA GLY A 265 27.44 3.97 2.17
C GLY A 265 28.63 3.07 1.91
N LEU A 266 29.81 3.68 1.73
CA LEU A 266 31.03 2.87 1.47
C LEU A 266 31.55 2.18 2.67
N GLN A 267 32.08 0.93 2.46
CA GLN A 267 32.81 0.28 3.53
C GLN A 267 34.05 1.09 3.91
N GLU A 268 34.67 1.67 2.89
CA GLU A 268 35.89 2.47 3.02
C GLU A 268 35.86 3.52 1.94
N PRO A 269 36.42 4.70 2.22
CA PRO A 269 36.52 5.69 1.14
C PRO A 269 37.40 5.16 0.02
N LEU A 270 37.09 5.59 -1.18
CA LEU A 270 37.77 5.11 -2.37
C LEU A 270 38.84 6.07 -2.83
N THR A 271 39.92 5.48 -3.30
CA THR A 271 40.92 6.23 -4.02
C THR A 271 40.98 5.74 -5.46
N LEU A 272 40.59 6.58 -6.41
CA LEU A 272 40.45 6.09 -7.76
C LEU A 272 41.51 6.81 -8.62
N ARG A 273 41.94 6.16 -9.70
CA ARG A 273 42.86 6.80 -10.67
C ARG A 273 42.33 6.45 -12.05
N TRP A 274 42.77 7.20 -13.02
CA TRP A 274 42.68 6.71 -14.41
C TRP A 274 43.76 5.65 -14.54
N ASP A 275 43.35 4.41 -14.75
CA ASP A 275 44.29 3.29 -14.73
C ASP A 275 44.78 2.95 -16.13
N ALA B 2 15.38 37.57 -7.28
CA ALA B 2 15.22 37.04 -8.63
C ALA B 2 16.55 36.35 -8.99
N ARG B 3 16.52 35.05 -9.18
CA ARG B 3 17.74 34.25 -9.40
C ARG B 3 17.52 33.33 -10.60
N PRO B 4 18.50 33.27 -11.51
CA PRO B 4 18.33 32.46 -12.70
C PRO B 4 18.56 30.98 -12.41
N PRO B 5 17.96 30.11 -13.23
CA PRO B 5 18.09 28.66 -13.01
C PRO B 5 19.51 28.21 -13.52
N LYS B 6 20.08 27.28 -12.77
CA LYS B 6 21.17 26.42 -13.20
C LYS B 6 20.53 25.19 -13.86
N VAL B 7 21.09 24.66 -14.96
CA VAL B 7 20.51 23.61 -15.73
C VAL B 7 21.53 22.51 -15.92
N GLN B 8 21.21 21.25 -15.63
CA GLN B 8 22.05 20.11 -15.98
C GLN B 8 21.24 19.13 -16.75
N VAL B 9 21.73 18.55 -17.82
CA VAL B 9 21.05 17.53 -18.57
C VAL B 9 21.96 16.29 -18.63
N TYR B 10 21.45 15.13 -18.33
CA TYR B 10 22.26 13.93 -18.08
C TYR B 10 21.46 12.67 -18.10
N SER B 11 22.06 11.50 -18.26
CA SER B 11 21.31 10.28 -18.17
C SER B 11 21.46 9.63 -16.79
N ARG B 12 20.49 8.78 -16.46
CA ARG B 12 20.59 8.12 -15.19
C ARG B 12 21.77 7.22 -15.08
N HIS B 13 22.01 6.45 -16.15
CA HIS B 13 23.14 5.53 -16.17
C HIS B 13 24.08 5.91 -17.25
N PRO B 14 25.35 5.51 -17.14
CA PRO B 14 26.25 5.88 -18.29
C PRO B 14 25.68 5.43 -19.62
N ALA B 15 25.66 6.34 -20.61
CA ALA B 15 24.93 6.03 -21.82
C ALA B 15 25.70 4.94 -22.63
N GLU B 16 24.92 4.05 -23.22
CA GLU B 16 25.39 3.03 -24.12
C GLU B 16 24.40 2.94 -25.29
N ASN B 17 24.90 3.10 -26.53
CA ASN B 17 23.99 3.10 -27.70
C ASN B 17 23.12 1.86 -27.75
N GLY B 18 21.81 2.06 -27.90
CA GLY B 18 20.85 0.97 -28.04
C GLY B 18 20.34 0.40 -26.71
N LYS B 19 20.87 0.90 -25.61
CA LYS B 19 20.43 0.46 -24.27
C LYS B 19 19.45 1.44 -23.63
N PRO B 20 18.24 0.95 -23.27
CA PRO B 20 17.24 1.83 -22.62
C PRO B 20 17.81 2.48 -21.37
N ASN B 21 17.43 3.71 -21.14
CA ASN B 21 18.02 4.50 -20.12
C ASN B 21 16.96 5.57 -19.75
N TYR B 22 17.37 6.60 -19.00
CA TYR B 22 16.48 7.70 -18.58
C TYR B 22 17.23 8.98 -18.77
N LEU B 23 16.53 9.99 -19.28
CA LEU B 23 17.14 11.26 -19.59
C LEU B 23 16.57 12.29 -18.60
N ASN B 24 17.45 13.06 -17.96
CA ASN B 24 17.08 13.97 -16.86
C ASN B 24 17.48 15.39 -17.24
N CYS B 25 16.65 16.38 -16.98
CA CYS B 25 17.01 17.75 -16.99
C CYS B 25 16.73 18.30 -15.57
N TYR B 26 17.72 18.64 -14.81
CA TYR B 26 17.63 19.13 -13.46
C TYR B 26 17.84 20.59 -13.43
N VAL B 27 16.86 21.36 -12.91
CA VAL B 27 16.90 22.80 -13.00
C VAL B 27 16.80 23.32 -11.58
N SER B 28 17.70 24.13 -11.12
CA SER B 28 17.79 24.46 -9.69
C SER B 28 18.21 25.88 -9.45
N GLY B 29 18.07 26.37 -8.25
CA GLY B 29 18.64 27.65 -7.85
C GLY B 29 17.83 28.88 -8.26
N PHE B 30 16.58 28.70 -8.77
CA PHE B 30 15.86 29.83 -9.37
C PHE B 30 14.79 30.42 -8.44
N HIS B 31 14.43 31.64 -8.74
CA HIS B 31 13.33 32.30 -8.01
C HIS B 31 12.88 33.45 -8.94
N PRO B 32 11.63 33.78 -9.14
CA PRO B 32 10.43 33.07 -8.60
C PRO B 32 10.22 31.75 -9.28
N PRO B 33 9.21 31.02 -8.84
CA PRO B 33 9.12 29.63 -9.24
C PRO B 33 8.52 29.41 -10.65
N GLN B 34 7.92 30.41 -11.29
CA GLN B 34 7.36 30.18 -12.61
C GLN B 34 8.49 29.87 -13.59
N ILE B 35 8.33 28.80 -14.36
CA ILE B 35 9.47 28.40 -15.24
C ILE B 35 8.90 27.44 -16.29
N GLU B 36 9.48 27.40 -17.47
CA GLU B 36 9.10 26.41 -18.50
C GLU B 36 10.36 25.58 -18.81
N ILE B 37 10.27 24.29 -18.64
CA ILE B 37 11.41 23.36 -18.81
C ILE B 37 10.97 22.31 -19.82
N ASP B 38 11.65 22.25 -20.97
CA ASP B 38 11.29 21.30 -21.98
C ASP B 38 12.53 20.42 -22.32
N LEU B 39 12.39 19.10 -22.34
CA LEU B 39 13.37 18.23 -23.01
C LEU B 39 13.09 18.19 -24.49
N LEU B 40 14.12 18.31 -25.33
CA LEU B 40 13.95 18.33 -26.77
C LEU B 40 14.73 17.18 -27.37
N LYS B 41 14.12 16.54 -28.37
CA LYS B 41 14.70 15.45 -29.11
C LYS B 41 14.78 15.88 -30.55
N ASN B 42 16.03 16.06 -31.07
CA ASN B 42 16.25 16.60 -32.38
C ASN B 42 15.51 17.90 -32.56
N GLY B 43 15.52 18.75 -31.52
CA GLY B 43 14.88 20.07 -31.59
C GLY B 43 13.38 20.11 -31.37
N GLU B 44 12.72 18.96 -31.21
CA GLU B 44 11.27 18.95 -30.96
C GLU B 44 10.97 18.59 -29.52
N LYS B 45 9.92 19.16 -28.97
CA LYS B 45 9.58 18.93 -27.56
C LYS B 45 9.18 17.48 -27.28
N MET B 46 9.77 16.89 -26.25
CA MET B 46 9.36 15.53 -25.79
C MET B 46 8.23 15.68 -24.74
N ASN B 47 7.40 14.64 -24.57
CA ASN B 47 6.45 14.73 -23.50
C ASN B 47 6.97 13.98 -22.33
N ALA B 48 7.49 14.73 -21.36
CA ALA B 48 8.24 14.20 -20.23
C ALA B 48 7.42 14.33 -18.95
N GLU B 49 7.89 13.86 -17.84
CA GLU B 49 7.22 14.13 -16.55
C GLU B 49 8.01 15.13 -15.79
N GLN B 50 7.38 15.92 -14.93
CA GLN B 50 8.04 16.99 -14.17
C GLN B 50 7.76 16.73 -12.72
N SER B 51 8.77 16.86 -11.88
CA SER B 51 8.67 16.65 -10.47
C SER B 51 7.79 17.76 -9.76
N ASP B 52 7.38 17.44 -8.52
CA ASP B 52 6.60 18.44 -7.79
C ASP B 52 7.49 19.58 -7.30
N LEU B 53 6.95 20.79 -7.33
CA LEU B 53 7.78 21.95 -6.98
C LEU B 53 8.29 21.87 -5.55
N SER B 54 9.61 22.01 -5.33
CA SER B 54 10.22 22.00 -4.06
C SER B 54 11.35 23.01 -4.03
N PHE B 55 11.95 23.22 -2.85
CA PHE B 55 13.05 24.24 -2.74
C PHE B 55 14.05 23.85 -1.69
N SER B 56 15.22 24.45 -1.82
CA SER B 56 16.38 24.27 -0.96
C SER B 56 16.29 25.14 0.26
N LYS B 57 17.24 24.95 1.20
CA LYS B 57 17.30 25.79 2.41
C LYS B 57 17.48 27.28 2.20
N ASP B 58 18.03 27.67 1.03
CA ASP B 58 18.13 29.06 0.74
C ASP B 58 16.93 29.66 0.01
N TRP B 59 15.88 28.83 -0.05
CA TRP B 59 14.52 29.16 -0.65
C TRP B 59 14.41 29.02 -2.15
N SER B 60 15.61 28.79 -2.85
CA SER B 60 15.52 28.65 -4.28
C SER B 60 14.90 27.33 -4.71
N PHE B 61 14.19 27.35 -5.81
CA PHE B 61 13.47 26.21 -6.31
C PHE B 61 14.24 25.22 -7.11
N TYR B 62 13.78 23.97 -7.15
CA TYR B 62 14.37 22.95 -8.04
C TYR B 62 13.31 22.07 -8.62
N LEU B 63 13.48 21.64 -9.84
CA LEU B 63 12.59 20.76 -10.60
C LEU B 63 13.40 19.73 -11.37
N LEU B 64 12.92 18.54 -11.53
CA LEU B 64 13.49 17.52 -12.38
C LEU B 64 12.49 17.21 -13.49
N VAL B 65 12.87 17.28 -14.76
CA VAL B 65 12.09 16.86 -15.88
C VAL B 65 12.77 15.62 -16.44
N HIS B 66 12.03 14.57 -16.69
CA HIS B 66 12.66 13.30 -17.02
C HIS B 66 11.78 12.43 -17.89
N THR B 67 12.39 11.53 -18.62
CA THR B 67 11.68 10.62 -19.45
C THR B 67 12.61 9.40 -19.76
N GLU B 68 12.04 8.30 -20.12
CA GLU B 68 12.77 7.19 -20.75
C GLU B 68 13.36 7.59 -22.11
N PHE B 69 14.51 7.04 -22.42
CA PHE B 69 15.05 7.15 -23.80
C PHE B 69 16.02 6.03 -24.06
N THR B 70 16.26 5.74 -25.33
CA THR B 70 17.27 4.79 -25.73
C THR B 70 18.27 5.59 -26.53
N PRO B 71 19.42 5.98 -25.90
CA PRO B 71 20.39 6.82 -26.63
C PRO B 71 20.98 6.06 -27.82
N ASN B 72 21.39 6.80 -28.84
CA ASN B 72 22.03 6.17 -29.95
C ASN B 72 23.05 7.16 -30.56
N ALA B 73 23.68 6.78 -31.70
CA ALA B 73 24.73 7.58 -32.29
C ALA B 73 24.24 8.88 -32.91
N VAL B 74 22.92 9.00 -33.21
CA VAL B 74 22.47 10.14 -34.10
C VAL B 74 21.52 11.07 -33.42
N ASP B 75 20.63 10.58 -32.52
CA ASP B 75 19.63 11.48 -31.97
C ASP B 75 20.27 12.50 -31.02
N GLN B 76 19.92 13.76 -31.19
CA GLN B 76 20.41 14.84 -30.33
C GLN B 76 19.36 15.24 -29.29
N TYR B 77 19.83 15.43 -28.08
CA TYR B 77 18.90 15.81 -27.00
C TYR B 77 19.38 17.10 -26.39
N SER B 78 18.42 17.89 -25.86
CA SER B 78 18.78 19.13 -25.14
C SER B 78 17.68 19.41 -24.12
N CYS B 79 17.93 20.38 -23.28
CA CYS B 79 16.90 20.88 -22.33
C CYS B 79 16.81 22.36 -22.54
N ARG B 80 15.60 22.87 -22.71
CA ARG B 80 15.36 24.28 -22.98
C ARG B 80 14.59 24.86 -21.78
N VAL B 81 15.11 25.95 -21.23
CA VAL B 81 14.55 26.55 -20.05
C VAL B 81 14.21 27.99 -20.25
N LYS B 82 12.96 28.37 -19.97
CA LYS B 82 12.57 29.76 -20.04
C LYS B 82 12.24 30.24 -18.60
N HIS B 83 12.68 31.44 -18.25
CA HIS B 83 12.44 31.99 -16.90
C HIS B 83 12.63 33.49 -17.07
N VAL B 84 12.00 34.27 -16.17
CA VAL B 84 11.92 35.69 -16.41
C VAL B 84 13.33 36.34 -16.28
N THR B 85 14.21 35.68 -15.58
CA THR B 85 15.59 36.18 -15.40
C THR B 85 16.48 35.94 -16.64
N LEU B 86 16.01 35.20 -17.63
CA LEU B 86 16.74 34.85 -18.84
C LEU B 86 16.12 35.61 -20.01
N ASP B 87 16.94 36.40 -20.67
CA ASP B 87 16.54 37.20 -21.85
C ASP B 87 16.12 36.29 -22.99
N LYS B 88 16.87 35.19 -23.18
CA LYS B 88 16.54 34.25 -24.22
C LYS B 88 16.48 32.84 -23.52
N PRO B 89 15.83 31.84 -24.18
CA PRO B 89 15.75 30.57 -23.52
C PRO B 89 17.13 30.00 -23.39
N LYS B 90 17.39 29.34 -22.27
CA LYS B 90 18.66 28.69 -22.05
C LYS B 90 18.58 27.30 -22.59
N ILE B 91 19.49 26.90 -23.45
CA ILE B 91 19.43 25.56 -24.04
C ILE B 91 20.76 24.84 -23.71
N VAL B 92 20.68 23.72 -23.01
CA VAL B 92 21.88 22.95 -22.70
C VAL B 92 21.76 21.62 -23.45
N LYS B 93 22.79 21.29 -24.21
CA LYS B 93 22.79 20.08 -25.00
C LYS B 93 23.21 18.92 -24.15
N TRP B 94 22.59 17.76 -24.33
CA TRP B 94 23.04 16.58 -23.66
C TRP B 94 24.30 16.02 -24.33
N ASP B 95 25.24 15.63 -23.47
CA ASP B 95 26.28 14.68 -23.98
C ASP B 95 26.66 13.71 -22.93
N ARG B 96 26.96 12.50 -23.39
CA ARG B 96 27.02 11.37 -22.47
C ARG B 96 28.26 11.48 -21.57
N ASP B 97 29.20 12.42 -21.82
CA ASP B 97 30.38 12.60 -20.98
C ASP B 97 30.18 13.58 -19.85
N HIS B 98 28.94 14.10 -19.67
CA HIS B 98 28.69 15.10 -18.60
C HIS B 98 27.34 14.80 -17.94
N LYS C 1 3.57 13.47 8.90
CA LYS C 1 2.22 14.17 9.06
C LYS C 1 2.46 15.68 9.27
N MET C 2 1.65 16.50 8.57
CA MET C 2 1.75 17.96 8.55
C MET C 2 1.24 18.60 9.85
N ASN C 3 1.70 19.80 10.11
CA ASN C 3 1.22 20.67 11.19
C ASN C 3 -0.09 21.29 10.72
N THR C 4 -0.76 21.96 11.69
CA THR C 4 -2.05 22.71 11.39
C THR C 4 -1.68 24.22 11.44
N GLN C 5 -2.06 24.92 10.38
CA GLN C 5 -1.76 26.36 10.29
C GLN C 5 -3.04 27.11 9.90
N PHE C 6 -3.49 27.92 10.85
CA PHE C 6 -4.67 28.73 10.64
C PHE C 6 -4.44 30.22 10.91
N THR C 7 -3.27 30.56 11.42
CA THR C 7 -3.10 31.93 11.93
C THR C 7 -2.43 32.79 10.87
N ALA C 8 -3.15 33.64 10.17
CA ALA C 8 -2.61 34.42 9.05
C ALA C 8 -1.51 35.43 9.59
N VAL C 9 -0.58 35.76 8.68
CA VAL C 9 0.45 36.72 9.00
C VAL C 9 -0.09 38.14 9.22
N GLY D 1 -20.15 -12.04 -11.25
CA GLY D 1 -21.38 -12.65 -11.86
C GLY D 1 -22.70 -12.71 -11.12
N PRO D 2 -23.43 -13.86 -11.30
CA PRO D 2 -24.75 -14.00 -10.64
C PRO D 2 -24.61 -14.03 -9.13
N HIS D 3 -25.52 -13.32 -8.46
CA HIS D 3 -25.66 -13.40 -6.99
C HIS D 3 -26.23 -14.76 -6.52
N SER D 4 -25.87 -15.15 -5.31
CA SER D 4 -26.26 -16.45 -4.75
C SER D 4 -26.53 -16.33 -3.27
N LEU D 5 -27.53 -17.19 -2.83
CA LEU D 5 -27.75 -17.44 -1.42
C LEU D 5 -27.34 -18.89 -1.17
N SER D 6 -26.49 -19.13 -0.17
CA SER D 6 -26.01 -20.48 0.13
C SER D 6 -25.96 -20.76 1.60
N TYR D 7 -26.27 -22.02 1.92
CA TYR D 7 -26.21 -22.49 3.30
C TYR D 7 -25.33 -23.68 3.40
N PHE D 8 -24.59 -23.76 4.50
CA PHE D 8 -23.61 -24.83 4.72
C PHE D 8 -23.86 -25.38 6.08
N TYR D 9 -24.29 -26.66 6.12
CA TYR D 9 -24.49 -27.33 7.40
C TYR D 9 -23.46 -28.37 7.70
N THR D 10 -22.98 -28.38 8.92
CA THR D 10 -21.99 -29.40 9.34
C THR D 10 -22.54 -30.02 10.68
N ALA D 11 -22.67 -31.33 10.66
CA ALA D 11 -22.92 -32.06 11.84
C ALA D 11 -21.83 -33.04 12.17
N VAL D 12 -21.41 -33.06 13.42
CA VAL D 12 -20.30 -33.94 13.86
C VAL D 12 -20.82 -34.78 15.04
N SER D 13 -20.52 -36.08 15.07
CA SER D 13 -20.95 -36.90 16.20
C SER D 13 -19.82 -36.83 17.21
N ARG D 14 -20.20 -36.87 18.49
CA ARG D 14 -19.21 -36.75 19.57
C ARG D 14 -19.47 -37.87 20.59
N PRO D 15 -19.06 -39.12 20.23
CA PRO D 15 -19.24 -40.30 21.09
C PRO D 15 -18.68 -40.06 22.50
N ASP D 16 -17.48 -39.48 22.60
CA ASP D 16 -16.89 -39.05 23.92
C ASP D 16 -17.83 -38.20 24.84
N ARG D 17 -18.78 -37.48 24.25
CA ARG D 17 -19.75 -36.66 25.01
C ARG D 17 -21.19 -37.14 24.95
N GLY D 18 -21.47 -38.25 24.25
CA GLY D 18 -22.83 -38.77 24.13
C GLY D 18 -23.78 -37.81 23.36
N ASP D 19 -23.22 -36.98 22.47
CA ASP D 19 -24.12 -36.04 21.72
C ASP D 19 -23.58 -35.77 20.30
N SER D 20 -24.04 -34.71 19.69
CA SER D 20 -23.62 -34.26 18.33
C SER D 20 -23.68 -32.72 18.35
N ARG D 21 -22.92 -32.13 17.45
CA ARG D 21 -22.92 -30.69 17.31
C ARG D 21 -23.38 -30.38 15.85
N PHE D 22 -24.31 -29.43 15.72
CA PHE D 22 -24.83 -29.01 14.41
C PHE D 22 -24.57 -27.53 14.25
N ILE D 23 -23.96 -27.16 13.09
CA ILE D 23 -23.64 -25.74 12.71
C ILE D 23 -24.25 -25.51 11.35
N ALA D 24 -24.89 -24.35 11.19
CA ALA D 24 -25.50 -23.98 9.91
C ALA D 24 -25.10 -22.53 9.71
N VAL D 25 -24.42 -22.25 8.59
CA VAL D 25 -24.06 -20.80 8.25
C VAL D 25 -24.64 -20.46 6.90
N GLY D 26 -25.03 -19.20 6.75
CA GLY D 26 -25.57 -18.71 5.53
C GLY D 26 -24.68 -17.61 4.89
N TYR D 27 -24.65 -17.63 3.56
CA TYR D 27 -23.90 -16.57 2.81
C TYR D 27 -24.79 -15.99 1.74
N VAL D 28 -24.61 -14.67 1.47
CA VAL D 28 -25.08 -14.13 0.21
C VAL D 28 -23.78 -13.72 -0.48
N ASP D 29 -23.57 -14.28 -1.67
CA ASP D 29 -22.29 -14.00 -2.41
C ASP D 29 -21.16 -14.38 -1.47
N ASP D 30 -20.13 -13.50 -1.24
CA ASP D 30 -19.09 -13.84 -0.37
C ASP D 30 -19.21 -13.35 1.01
N THR D 31 -20.48 -13.00 1.43
CA THR D 31 -20.63 -12.44 2.76
C THR D 31 -21.32 -13.45 3.66
N GLN D 32 -20.72 -13.82 4.78
CA GLN D 32 -21.46 -14.65 5.74
C GLN D 32 -22.44 -13.70 6.47
N PHE D 33 -23.76 -14.11 6.60
CA PHE D 33 -24.71 -13.18 7.16
C PHE D 33 -25.50 -13.78 8.32
N VAL D 34 -25.52 -15.11 8.50
CA VAL D 34 -26.18 -15.72 9.66
C VAL D 34 -25.45 -16.95 10.10
N ARG D 35 -25.71 -17.35 11.36
CA ARG D 35 -25.15 -18.58 11.83
C ARG D 35 -26.09 -19.20 12.87
N PHE D 36 -26.00 -20.48 13.03
CA PHE D 36 -26.57 -21.22 14.21
C PHE D 36 -25.51 -22.24 14.65
N ASP D 37 -25.31 -22.31 15.97
CA ASP D 37 -24.36 -23.33 16.47
C ASP D 37 -25.04 -23.94 17.69
N SER D 38 -25.28 -25.28 17.66
CA SER D 38 -25.98 -25.95 18.73
C SER D 38 -25.13 -25.88 20.04
N ASP D 39 -23.81 -25.71 19.93
CA ASP D 39 -22.93 -25.49 21.12
C ASP D 39 -23.00 -24.05 21.69
N ALA D 40 -23.57 -23.11 20.92
CA ALA D 40 -23.49 -21.69 21.32
C ALA D 40 -24.40 -21.48 22.49
N PRO D 41 -24.16 -20.40 23.30
CA PRO D 41 -25.15 -20.38 24.37
C PRO D 41 -26.49 -19.92 23.80
N ASN D 42 -27.52 -20.50 24.40
CA ASN D 42 -28.93 -20.25 24.14
C ASN D 42 -29.21 -20.42 22.63
N PRO D 43 -29.01 -21.65 22.08
CA PRO D 43 -28.84 -21.68 20.64
C PRO D 43 -30.00 -21.05 19.87
N ARG D 44 -29.63 -20.12 18.97
CA ARG D 44 -30.57 -19.42 18.14
C ARG D 44 -29.89 -18.95 16.91
N GLU D 45 -30.65 -18.69 15.88
CA GLU D 45 -30.06 -18.09 14.68
C GLU D 45 -29.57 -16.68 15.02
N GLU D 46 -28.38 -16.30 14.57
CA GLU D 46 -27.80 -15.00 14.93
C GLU D 46 -27.23 -14.30 13.73
N PRO D 47 -27.30 -12.95 13.73
CA PRO D 47 -26.77 -12.18 12.60
C PRO D 47 -25.28 -12.15 12.56
N ARG D 48 -24.75 -12.17 11.32
CA ARG D 48 -23.25 -12.18 11.10
C ARG D 48 -22.83 -11.08 10.13
N ALA D 49 -23.80 -10.27 9.67
CA ALA D 49 -23.50 -9.10 8.83
C ALA D 49 -24.33 -7.94 9.30
N PRO D 50 -23.89 -6.71 9.06
CA PRO D 50 -24.59 -5.61 9.58
C PRO D 50 -26.02 -5.44 8.99
N TRP D 51 -26.17 -5.71 7.67
CA TRP D 51 -27.42 -5.39 7.00
C TRP D 51 -28.62 -6.33 7.40
N ILE D 52 -28.34 -7.51 7.99
CA ILE D 52 -29.37 -8.46 8.41
C ILE D 52 -29.88 -8.07 9.83
N GLN D 53 -29.15 -7.14 10.51
CA GLN D 53 -29.58 -6.78 11.88
C GLN D 53 -30.88 -6.08 11.97
N GLN D 54 -31.34 -5.47 10.88
CA GLN D 54 -32.60 -4.79 11.00
C GLN D 54 -33.78 -5.81 10.96
N GLU D 55 -33.57 -7.12 10.62
CA GLU D 55 -34.69 -8.11 10.66
C GLU D 55 -35.35 -8.14 12.05
N GLY D 56 -36.68 -8.28 12.08
CA GLY D 56 -37.35 -8.34 13.35
C GLY D 56 -37.27 -9.70 13.98
N GLN D 57 -37.79 -9.81 15.20
CA GLN D 57 -37.72 -11.06 15.98
C GLN D 57 -38.35 -12.23 15.21
N GLU D 58 -39.38 -11.95 14.42
CA GLU D 58 -39.96 -13.05 13.67
C GLU D 58 -39.02 -13.79 12.69
N TYR D 59 -38.08 -13.02 12.12
CA TYR D 59 -37.09 -13.59 11.18
C TYR D 59 -36.21 -14.54 11.96
N TRP D 60 -35.73 -14.05 13.10
CA TRP D 60 -34.86 -14.91 13.96
C TRP D 60 -35.55 -16.16 14.38
N ASP D 61 -36.84 -15.97 14.83
CA ASP D 61 -37.56 -17.14 15.32
C ASP D 61 -37.88 -18.16 14.24
N ARG D 62 -38.08 -17.70 12.99
CA ARG D 62 -38.28 -18.67 11.90
C ARG D 62 -37.00 -19.54 11.74
N GLU D 63 -35.86 -18.83 11.64
CA GLU D 63 -34.68 -19.58 11.38
C GLU D 63 -34.23 -20.43 12.55
N THR D 64 -34.45 -19.90 13.77
CA THR D 64 -34.10 -20.66 14.95
C THR D 64 -34.92 -21.98 15.03
N GLN D 65 -36.22 -21.90 14.70
CA GLN D 65 -36.99 -23.21 14.77
C GLN D 65 -36.51 -24.20 13.72
N ILE D 66 -36.14 -23.68 12.53
CA ILE D 66 -35.57 -24.57 11.51
C ILE D 66 -34.28 -25.22 12.04
N SER D 67 -33.34 -24.39 12.54
CA SER D 67 -32.03 -24.93 12.98
C SER D 67 -32.11 -25.88 14.17
N LYS D 68 -33.03 -25.57 15.13
CA LYS D 68 -33.18 -26.45 16.29
C LYS D 68 -33.77 -27.81 15.83
N ASP D 69 -34.73 -27.75 14.88
CA ASP D 69 -35.24 -29.01 14.29
C ASP D 69 -34.15 -29.78 13.51
N ASN D 70 -33.32 -29.05 12.75
CA ASN D 70 -32.20 -29.70 12.07
C ASN D 70 -31.23 -30.31 13.04
N ALA D 71 -30.98 -29.65 14.16
CA ALA D 71 -29.97 -30.23 15.09
C ALA D 71 -30.48 -31.64 15.51
N GLN D 72 -31.81 -31.79 15.73
CA GLN D 72 -32.34 -33.11 16.05
C GLN D 72 -32.28 -34.06 14.89
N THR D 73 -32.69 -33.56 13.72
CA THR D 73 -32.65 -34.42 12.49
C THR D 73 -31.22 -34.90 12.18
N TYR D 74 -30.25 -34.00 12.34
CA TYR D 74 -28.86 -34.41 11.98
C TYR D 74 -28.24 -35.31 13.01
N ARG D 75 -28.78 -35.27 14.28
CA ARG D 75 -28.31 -36.27 15.24
C ARG D 75 -28.82 -37.65 14.72
N VAL D 76 -30.09 -37.72 14.28
CA VAL D 76 -30.61 -38.93 13.71
C VAL D 76 -29.83 -39.32 12.44
N ASN D 77 -29.50 -38.36 11.58
CA ASN D 77 -28.75 -38.70 10.34
C ASN D 77 -27.40 -39.37 10.65
N LEU D 78 -26.67 -38.83 11.63
CA LEU D 78 -25.37 -39.43 12.02
C LEU D 78 -25.56 -40.88 12.50
N ASN D 79 -26.59 -41.12 13.31
CA ASN D 79 -26.91 -42.49 13.72
C ASN D 79 -27.25 -43.42 12.55
N ASN D 80 -28.08 -42.93 11.63
CA ASN D 80 -28.51 -43.75 10.48
C ASN D 80 -27.27 -44.09 9.60
N LEU D 81 -26.43 -43.09 9.34
CA LEU D 81 -25.23 -43.30 8.47
C LEU D 81 -24.26 -44.32 9.10
N ARG D 82 -24.02 -44.17 10.38
CA ARG D 82 -23.13 -45.12 11.09
C ARG D 82 -23.65 -46.56 10.91
N GLY D 83 -24.97 -46.69 10.99
CA GLY D 83 -25.62 -47.99 10.73
C GLY D 83 -25.45 -48.46 9.28
N TYR D 84 -25.70 -47.56 8.31
CA TYR D 84 -25.54 -47.94 6.89
C TYR D 84 -24.15 -48.46 6.52
N TYR D 85 -23.07 -47.93 7.17
CA TYR D 85 -21.66 -48.26 6.93
C TYR D 85 -21.13 -49.25 7.95
N ASN D 86 -22.00 -49.74 8.86
CA ASN D 86 -21.61 -50.77 9.88
C ASN D 86 -20.43 -50.29 10.74
N GLN D 87 -20.46 -49.03 11.08
CA GLN D 87 -19.35 -48.43 11.77
C GLN D 87 -19.59 -48.54 13.27
N SER D 88 -18.47 -48.42 13.97
CA SER D 88 -18.42 -48.50 15.43
C SER D 88 -19.06 -47.27 16.07
N GLU D 89 -19.54 -47.43 17.30
CA GLU D 89 -20.13 -46.26 18.04
C GLU D 89 -18.96 -45.37 18.56
N ALA D 90 -17.79 -45.92 18.62
CA ALA D 90 -16.57 -45.24 19.06
C ALA D 90 -16.17 -43.99 18.32
N GLY D 91 -16.34 -43.93 17.01
CA GLY D 91 -15.68 -42.89 16.25
C GLY D 91 -16.57 -41.70 15.98
N SER D 92 -15.93 -40.54 15.89
CA SER D 92 -16.57 -39.34 15.36
C SER D 92 -16.68 -39.40 13.85
N HIS D 93 -17.81 -38.91 13.37
CA HIS D 93 -18.15 -38.82 11.95
C HIS D 93 -18.75 -37.47 11.64
N THR D 94 -18.70 -37.08 10.37
CA THR D 94 -19.12 -35.76 9.94
C THR D 94 -20.14 -35.94 8.81
N PHE D 95 -21.22 -35.17 8.85
CA PHE D 95 -22.13 -35.11 7.73
C PHE D 95 -22.32 -33.64 7.35
N GLN D 96 -22.22 -33.36 6.06
CA GLN D 96 -22.29 -31.98 5.52
C GLN D 96 -23.38 -31.87 4.48
N ASN D 97 -24.10 -30.75 4.51
CA ASN D 97 -25.07 -30.42 3.50
C ASN D 97 -24.75 -29.01 3.01
N MET D 98 -24.77 -28.88 1.69
CA MET D 98 -24.73 -27.53 1.12
C MET D 98 -25.82 -27.35 0.08
N TYR D 99 -26.53 -26.20 0.10
CA TYR D 99 -27.53 -25.96 -0.93
C TYR D 99 -27.67 -24.50 -1.14
N GLY D 100 -28.25 -24.13 -2.27
CA GLY D 100 -28.38 -22.72 -2.54
C GLY D 100 -28.86 -22.43 -3.93
N CYS D 101 -28.94 -21.14 -4.21
CA CYS D 101 -29.56 -20.71 -5.47
C CYS D 101 -28.72 -19.53 -6.05
N TYR D 102 -28.65 -19.53 -7.38
CA TYR D 102 -28.09 -18.40 -8.07
C TYR D 102 -29.19 -17.66 -8.81
N LEU D 103 -29.08 -16.33 -8.86
CA LEU D 103 -30.14 -15.47 -9.39
C LEU D 103 -29.89 -15.13 -10.87
N GLY D 104 -30.87 -15.43 -11.73
CA GLY D 104 -30.66 -15.14 -13.15
C GLY D 104 -30.97 -13.66 -13.56
N PRO D 105 -30.74 -13.31 -14.84
CA PRO D 105 -31.03 -11.94 -15.34
C PRO D 105 -32.51 -11.66 -15.38
N ASP D 106 -33.33 -12.73 -15.30
CA ASP D 106 -34.74 -12.85 -15.14
C ASP D 106 -35.27 -12.37 -13.77
N GLY D 107 -34.43 -12.48 -12.73
CA GLY D 107 -34.93 -12.43 -11.35
C GLY D 107 -35.43 -13.82 -10.95
N LEU D 108 -35.25 -14.81 -11.83
CA LEU D 108 -35.65 -16.18 -11.56
C LEU D 108 -34.45 -17.02 -11.23
N LEU D 109 -34.65 -18.24 -10.73
CA LEU D 109 -33.52 -19.16 -10.43
C LEU D 109 -32.75 -19.43 -11.67
N LEU D 110 -31.42 -19.20 -11.56
CA LEU D 110 -30.48 -19.47 -12.64
C LEU D 110 -29.90 -20.89 -12.40
N HIS D 111 -29.55 -21.23 -11.14
CA HIS D 111 -28.99 -22.52 -10.85
C HIS D 111 -29.23 -22.83 -9.40
N GLY D 112 -29.85 -23.98 -9.12
CA GLY D 112 -30.09 -24.40 -7.72
C GLY D 112 -29.23 -25.64 -7.53
N TYR D 113 -28.77 -25.87 -6.31
CA TYR D 113 -28.07 -27.09 -5.97
C TYR D 113 -28.37 -27.57 -4.58
N HIS D 114 -28.15 -28.84 -4.31
CA HIS D 114 -28.38 -29.38 -2.95
C HIS D 114 -27.57 -30.70 -2.83
N GLN D 115 -26.53 -30.76 -1.98
CA GLN D 115 -25.60 -31.91 -1.99
C GLN D 115 -25.24 -32.22 -0.57
N TYR D 116 -24.87 -33.49 -0.37
CA TYR D 116 -24.43 -33.98 0.93
C TYR D 116 -23.11 -34.73 0.81
N ALA D 117 -22.33 -34.70 1.88
CA ALA D 117 -21.09 -35.53 1.94
C ALA D 117 -21.05 -36.17 3.34
N TYR D 118 -20.54 -37.41 3.41
CA TYR D 118 -20.37 -38.10 4.67
C TYR D 118 -18.86 -38.37 4.81
N ASP D 119 -18.28 -37.96 5.96
CA ASP D 119 -16.84 -38.03 6.21
C ASP D 119 -16.08 -37.49 5.01
N GLY D 120 -16.58 -36.36 4.46
CA GLY D 120 -15.86 -35.67 3.39
C GLY D 120 -15.98 -36.15 1.96
N ALA D 121 -16.75 -37.21 1.76
CA ALA D 121 -16.90 -37.81 0.45
C ALA D 121 -18.33 -37.67 0.01
N ASP D 122 -18.54 -37.41 -1.29
CA ASP D 122 -19.92 -37.31 -1.83
C ASP D 122 -20.82 -38.46 -1.36
N TYR D 123 -22.04 -38.09 -0.86
CA TYR D 123 -23.00 -39.04 -0.40
C TYR D 123 -24.24 -39.07 -1.33
N ILE D 124 -24.95 -37.94 -1.45
CA ILE D 124 -26.11 -37.89 -2.33
C ILE D 124 -26.32 -36.46 -2.83
N ALA D 125 -26.81 -36.30 -4.06
CA ALA D 125 -26.91 -34.96 -4.65
C ALA D 125 -28.18 -34.83 -5.45
N LEU D 126 -28.77 -33.66 -5.38
CA LEU D 126 -29.96 -33.43 -6.20
C LEU D 126 -29.52 -33.22 -7.66
N ASN D 127 -30.24 -33.81 -8.61
CA ASN D 127 -29.96 -33.62 -10.05
C ASN D 127 -30.41 -32.28 -10.63
N GLU D 128 -30.04 -32.03 -11.87
CA GLU D 128 -30.38 -30.81 -12.61
C GLU D 128 -31.86 -30.59 -12.79
N ASP D 129 -32.68 -31.65 -12.82
CA ASP D 129 -34.15 -31.50 -12.81
C ASP D 129 -34.70 -30.93 -11.54
N LEU D 130 -33.83 -30.87 -10.49
CA LEU D 130 -34.29 -30.45 -9.15
C LEU D 130 -35.41 -31.37 -8.58
N ARG D 131 -35.46 -32.61 -9.04
CA ARG D 131 -36.56 -33.47 -8.67
C ARG D 131 -36.06 -34.90 -8.40
N SER D 132 -34.99 -35.34 -8.99
CA SER D 132 -34.42 -36.68 -8.70
C SER D 132 -33.04 -36.59 -8.04
N TRP D 133 -32.56 -37.70 -7.45
CA TRP D 133 -31.33 -37.73 -6.65
C TRP D 133 -30.36 -38.69 -7.27
N THR D 134 -29.07 -38.33 -7.20
CA THR D 134 -28.00 -39.26 -7.51
C THR D 134 -27.21 -39.73 -6.30
N ALA D 135 -27.11 -41.08 -6.12
CA ALA D 135 -26.44 -41.66 -4.93
C ALA D 135 -25.04 -42.06 -5.23
N ALA D 136 -24.11 -41.74 -4.31
CA ALA D 136 -22.67 -42.02 -4.61
C ALA D 136 -22.22 -43.45 -4.36
N ASP D 137 -22.99 -44.19 -3.57
CA ASP D 137 -22.67 -45.57 -3.16
C ASP D 137 -23.85 -46.36 -2.68
N THR D 138 -23.57 -47.57 -2.16
CA THR D 138 -24.64 -48.43 -1.63
C THR D 138 -25.42 -47.94 -0.45
N ALA D 139 -24.72 -47.43 0.56
CA ALA D 139 -25.38 -46.70 1.65
C ALA D 139 -26.34 -45.59 1.13
N ALA D 140 -25.84 -44.68 0.29
CA ALA D 140 -26.66 -43.58 -0.22
C ALA D 140 -27.88 -44.07 -1.01
N GLN D 141 -27.81 -45.25 -1.66
CA GLN D 141 -29.00 -45.75 -2.35
C GLN D 141 -30.16 -46.05 -1.40
N ILE D 142 -29.82 -46.38 -0.15
CA ILE D 142 -30.84 -46.55 0.89
C ILE D 142 -31.63 -45.25 1.05
N THR D 143 -30.87 -44.16 1.17
CA THR D 143 -31.39 -42.84 1.38
C THR D 143 -32.13 -42.44 0.11
N LYS D 144 -31.53 -42.71 -1.03
CA LYS D 144 -32.19 -42.45 -2.33
C LYS D 144 -33.60 -43.09 -2.39
N ARG D 145 -33.73 -44.36 -2.07
CA ARG D 145 -35.04 -45.04 -2.13
C ARG D 145 -36.07 -44.46 -1.15
N LYS D 146 -35.60 -44.12 0.04
CA LYS D 146 -36.40 -43.55 1.07
C LYS D 146 -36.94 -42.16 0.60
N TRP D 147 -36.05 -41.35 0.02
CA TRP D 147 -36.39 -40.02 -0.46
C TRP D 147 -37.16 -40.03 -1.77
N GLU D 148 -36.88 -40.99 -2.64
CA GLU D 148 -37.80 -41.25 -3.76
C GLU D 148 -39.22 -41.57 -3.35
N ALA D 149 -39.43 -42.45 -2.35
CA ALA D 149 -40.75 -42.72 -1.85
C ALA D 149 -41.42 -41.48 -1.26
N SER D 150 -40.64 -40.64 -0.56
CA SER D 150 -41.29 -39.49 0.15
C SER D 150 -41.57 -38.37 -0.86
N GLY D 151 -40.86 -38.40 -1.97
CA GLY D 151 -40.96 -37.33 -2.99
C GLY D 151 -40.59 -35.91 -2.56
N TRP D 152 -39.84 -35.75 -1.47
CA TRP D 152 -39.64 -34.39 -0.93
C TRP D 152 -38.79 -33.41 -1.82
N ALA D 153 -38.04 -33.96 -2.81
CA ALA D 153 -37.40 -33.14 -3.82
C ALA D 153 -38.27 -32.10 -4.55
N GLU D 154 -39.57 -32.38 -4.62
CA GLU D 154 -40.55 -31.43 -5.21
C GLU D 154 -40.64 -30.22 -4.28
N GLN D 155 -40.55 -30.46 -2.98
CA GLN D 155 -40.46 -29.39 -1.94
C GLN D 155 -39.17 -28.61 -2.11
N GLU D 156 -38.11 -29.37 -2.35
CA GLU D 156 -36.77 -28.76 -2.54
C GLU D 156 -36.76 -27.80 -3.74
N ARG D 157 -37.34 -28.29 -4.83
CA ARG D 157 -37.49 -27.52 -6.04
C ARG D 157 -38.30 -26.24 -5.87
N SER D 158 -39.47 -26.35 -5.19
CA SER D 158 -40.34 -25.14 -5.00
C SER D 158 -39.56 -24.13 -4.07
N TYR D 159 -38.74 -24.64 -3.15
CA TYR D 159 -37.95 -23.77 -2.26
C TYR D 159 -36.83 -23.05 -3.07
N LEU D 160 -36.10 -23.80 -3.87
CA LEU D 160 -34.96 -23.25 -4.63
C LEU D 160 -35.49 -22.22 -5.63
N GLN D 161 -36.63 -22.53 -6.27
CA GLN D 161 -37.29 -21.64 -7.23
C GLN D 161 -38.03 -20.46 -6.60
N GLY D 162 -38.53 -20.64 -5.38
CA GLY D 162 -39.39 -19.65 -4.76
C GLY D 162 -38.64 -18.92 -3.64
N LEU D 163 -38.78 -19.38 -2.41
CA LEU D 163 -38.27 -18.69 -1.22
C LEU D 163 -36.72 -18.39 -1.34
N CYS D 164 -35.97 -19.31 -1.89
CA CYS D 164 -34.49 -19.08 -1.94
C CYS D 164 -34.21 -17.84 -2.79
N VAL D 165 -34.79 -17.78 -4.01
CA VAL D 165 -34.53 -16.59 -4.83
C VAL D 165 -35.22 -15.37 -4.28
N GLU D 166 -36.47 -15.51 -3.75
CA GLU D 166 -37.13 -14.35 -3.23
C GLU D 166 -36.42 -13.79 -2.02
N SER D 167 -35.94 -14.63 -1.11
CA SER D 167 -35.24 -14.09 0.05
C SER D 167 -33.88 -13.49 -0.43
N LEU D 168 -33.19 -14.18 -1.37
CA LEU D 168 -31.91 -13.61 -1.96
C LEU D 168 -32.14 -12.15 -2.47
N ARG D 169 -33.26 -11.94 -3.19
CA ARG D 169 -33.55 -10.59 -3.69
C ARG D 169 -33.76 -9.56 -2.57
N GLU D 170 -34.48 -9.96 -1.51
CA GLU D 170 -34.64 -9.11 -0.33
C GLU D 170 -33.30 -8.80 0.31
N TYR D 171 -32.41 -9.80 0.47
CA TYR D 171 -31.11 -9.56 1.07
C TYR D 171 -30.24 -8.62 0.22
N LEU D 172 -30.32 -8.77 -1.12
CA LEU D 172 -29.51 -7.95 -2.06
C LEU D 172 -29.91 -6.47 -1.90
N GLU D 173 -31.24 -6.22 -1.71
CA GLU D 173 -31.71 -4.87 -1.50
C GLU D 173 -31.27 -4.36 -0.11
N MET D 174 -31.47 -5.17 0.93
CA MET D 174 -31.11 -4.78 2.30
C MET D 174 -29.62 -4.44 2.38
N GLY D 175 -28.81 -5.24 1.71
CA GLY D 175 -27.34 -5.08 1.75
C GLY D 175 -26.74 -4.45 0.51
N LYS D 176 -27.57 -3.64 -0.19
CA LYS D 176 -27.15 -3.08 -1.45
C LYS D 176 -25.85 -2.31 -1.41
N ASP D 177 -25.55 -1.57 -0.34
CA ASP D 177 -24.33 -0.76 -0.28
C ASP D 177 -23.05 -1.59 -0.29
N THR D 178 -23.13 -2.91 0.06
CA THR D 178 -21.90 -3.76 0.05
C THR D 178 -22.06 -4.89 -0.95
N LEU D 179 -23.28 -5.37 -1.11
CA LEU D 179 -23.51 -6.50 -1.97
C LEU D 179 -23.68 -6.15 -3.40
N GLN D 180 -24.17 -4.95 -3.70
CA GLN D 180 -24.34 -4.54 -5.08
C GLN D 180 -23.44 -3.31 -5.45
N ARG D 181 -22.44 -3.03 -4.64
CA ARG D 181 -21.54 -1.92 -4.91
C ARG D 181 -20.15 -2.43 -4.55
N ALA D 182 -19.35 -2.88 -5.53
CA ALA D 182 -18.07 -3.52 -5.29
C ALA D 182 -17.12 -2.50 -4.64
N GLU D 183 -16.33 -2.96 -3.67
CA GLU D 183 -15.35 -2.11 -2.99
C GLU D 183 -13.97 -2.40 -3.60
N PRO D 184 -13.38 -1.41 -4.25
CA PRO D 184 -12.09 -1.69 -4.96
C PRO D 184 -10.98 -1.94 -3.95
N PRO D 185 -9.93 -2.59 -4.38
CA PRO D 185 -8.77 -2.81 -3.51
C PRO D 185 -8.01 -1.50 -3.24
N LYS D 186 -7.48 -1.37 -2.03
CA LYS D 186 -6.43 -0.38 -1.74
C LYS D 186 -5.12 -1.11 -1.95
N THR D 187 -4.24 -0.46 -2.77
CA THR D 187 -3.06 -1.19 -3.25
C THR D 187 -1.78 -0.49 -2.91
N HIS D 188 -0.71 -1.31 -2.75
CA HIS D 188 0.65 -0.72 -2.58
C HIS D 188 1.61 -1.77 -2.98
N VAL D 189 2.86 -1.32 -3.22
CA VAL D 189 3.93 -2.26 -3.56
C VAL D 189 5.05 -2.08 -2.58
N THR D 190 5.57 -3.19 -2.08
CA THR D 190 6.73 -3.13 -1.16
C THR D 190 7.97 -3.72 -1.91
N ARG D 191 9.14 -3.32 -1.42
CA ARG D 191 10.44 -3.85 -1.98
C ARG D 191 11.31 -4.28 -0.84
N HIS D 192 11.90 -5.46 -0.96
CA HIS D 192 12.86 -5.93 0.01
C HIS D 192 14.11 -6.29 -0.78
N PRO D 193 15.22 -5.72 -0.42
CA PRO D 193 16.51 -6.04 -1.10
C PRO D 193 17.01 -7.38 -0.58
N SER D 194 16.49 -8.48 -1.11
CA SER D 194 16.68 -9.81 -0.54
C SER D 194 18.16 -10.24 -0.71
N SER D 195 18.78 -9.91 -1.82
CA SER D 195 20.23 -10.36 -2.07
C SER D 195 20.90 -9.53 -3.12
N ASP D 196 22.27 -9.68 -3.44
CA ASP D 196 22.80 -8.88 -4.49
C ASP D 196 22.27 -9.41 -5.79
N LEU D 197 21.65 -10.60 -5.84
CA LEU D 197 21.12 -11.04 -7.17
C LEU D 197 19.56 -10.84 -7.38
N GLY D 198 18.81 -10.51 -6.32
CA GLY D 198 17.38 -10.35 -6.47
C GLY D 198 16.83 -9.40 -5.43
N VAL D 199 15.84 -8.64 -5.91
CA VAL D 199 15.02 -7.78 -5.05
C VAL D 199 13.62 -8.36 -5.13
N THR D 200 12.95 -8.44 -3.95
CA THR D 200 11.59 -9.03 -3.95
C THR D 200 10.58 -7.88 -3.94
N LEU D 201 9.77 -7.80 -4.99
CA LEU D 201 8.67 -6.79 -5.02
C LEU D 201 7.33 -7.52 -4.71
N ARG D 202 6.59 -6.90 -3.82
CA ARG D 202 5.24 -7.54 -3.44
C ARG D 202 4.14 -6.56 -3.73
N CYS D 203 3.18 -6.99 -4.56
CA CYS D 203 2.01 -6.16 -4.95
C CYS D 203 0.81 -6.58 -4.07
N TRP D 204 0.36 -5.63 -3.26
CA TRP D 204 -0.75 -5.95 -2.29
C TRP D 204 -2.05 -5.35 -2.76
N ALA D 205 -3.15 -6.08 -2.48
CA ALA D 205 -4.52 -5.55 -2.64
C ALA D 205 -5.24 -5.84 -1.33
N LEU D 206 -5.74 -4.78 -0.72
CA LEU D 206 -6.45 -4.91 0.63
C LEU D 206 -7.80 -4.34 0.54
N GLY D 207 -8.67 -4.94 1.39
CA GLY D 207 -9.98 -4.28 1.65
C GLY D 207 -10.99 -4.36 0.52
N PHE D 208 -10.88 -5.38 -0.33
CA PHE D 208 -11.73 -5.40 -1.55
C PHE D 208 -12.90 -6.41 -1.35
N TYR D 209 -13.93 -6.19 -2.17
CA TYR D 209 -15.14 -7.06 -2.16
C TYR D 209 -15.84 -6.83 -3.47
N PRO D 210 -16.23 -7.89 -4.20
CA PRO D 210 -16.19 -9.31 -3.77
C PRO D 210 -14.79 -9.95 -3.87
N LYS D 211 -14.71 -11.21 -3.64
CA LYS D 211 -13.44 -11.94 -3.44
C LYS D 211 -12.65 -12.04 -4.70
N GLU D 212 -13.31 -12.08 -5.84
CA GLU D 212 -12.63 -12.39 -7.09
C GLU D 212 -11.66 -11.24 -7.42
N ILE D 213 -10.38 -11.56 -7.74
CA ILE D 213 -9.42 -10.53 -8.11
C ILE D 213 -8.31 -11.17 -8.89
N SER D 214 -7.67 -10.37 -9.74
CA SER D 214 -6.41 -10.86 -10.46
C SER D 214 -5.27 -9.90 -10.17
N LEU D 215 -4.18 -10.45 -9.70
CA LEU D 215 -2.88 -9.72 -9.59
C LEU D 215 -1.88 -10.41 -10.52
N THR D 216 -1.33 -9.62 -11.43
CA THR D 216 -0.29 -10.22 -12.34
C THR D 216 0.85 -9.27 -12.46
N TRP D 217 2.07 -9.81 -12.68
CA TRP D 217 3.27 -8.98 -12.84
C TRP D 217 3.69 -9.06 -14.33
N GLN D 218 4.13 -7.97 -14.90
CA GLN D 218 4.60 -7.92 -16.27
C GLN D 218 5.93 -7.21 -16.34
N ARG D 219 6.70 -7.56 -17.38
CA ARG D 219 7.78 -6.67 -17.82
C ARG D 219 7.72 -6.50 -19.33
N GLU D 220 7.72 -5.24 -19.78
CA GLU D 220 7.82 -4.99 -21.26
C GLU D 220 6.62 -5.60 -22.00
N GLY D 221 5.46 -5.53 -21.37
CA GLY D 221 4.24 -5.96 -22.00
C GLY D 221 4.11 -7.44 -21.80
N GLN D 222 5.18 -8.03 -21.24
CA GLN D 222 5.27 -9.49 -21.12
C GLN D 222 5.04 -10.15 -19.70
N ASP D 223 4.21 -11.19 -19.66
CA ASP D 223 3.65 -11.78 -18.41
C ASP D 223 4.67 -12.55 -17.56
N GLN D 224 4.67 -12.42 -16.22
CA GLN D 224 5.77 -13.08 -15.39
C GLN D 224 5.21 -14.09 -14.45
N SER D 225 3.99 -14.49 -14.74
CA SER D 225 3.21 -15.44 -13.87
C SER D 225 3.94 -16.66 -13.40
N GLN D 226 4.84 -17.17 -14.25
CA GLN D 226 5.65 -18.37 -14.05
C GLN D 226 6.63 -18.25 -12.89
N ASP D 227 7.19 -17.07 -12.64
CA ASP D 227 8.00 -16.95 -11.44
C ASP D 227 7.36 -16.06 -10.29
N MET D 228 6.03 -15.81 -10.31
CA MET D 228 5.48 -15.09 -9.20
C MET D 228 5.04 -16.01 -8.09
N GLU D 229 5.09 -15.53 -6.84
CA GLU D 229 4.42 -16.24 -5.73
C GLU D 229 3.11 -15.49 -5.42
N LEU D 230 2.00 -16.24 -5.42
CA LEU D 230 0.65 -15.64 -5.29
C LEU D 230 0.03 -16.33 -4.11
N VAL D 231 -0.39 -15.59 -3.07
CA VAL D 231 -1.08 -16.28 -1.96
C VAL D 231 -2.59 -16.44 -2.28
N GLU D 232 -3.23 -17.48 -1.65
CA GLU D 232 -4.68 -17.58 -1.77
C GLU D 232 -5.36 -16.36 -1.17
N THR D 233 -6.42 -15.91 -1.85
CA THR D 233 -7.22 -14.80 -1.37
C THR D 233 -7.75 -15.11 0.03
N ARG D 234 -7.69 -14.16 0.93
CA ARG D 234 -7.86 -14.49 2.38
C ARG D 234 -8.74 -13.38 3.03
N PRO D 235 -9.59 -13.80 3.94
CA PRO D 235 -10.43 -12.80 4.54
C PRO D 235 -9.78 -11.82 5.47
N SER D 236 -10.16 -10.55 5.40
CA SER D 236 -9.55 -9.52 6.24
C SER D 236 -10.10 -9.61 7.67
N GLY D 237 -11.34 -10.15 7.81
CA GLY D 237 -11.96 -10.33 9.12
C GLY D 237 -13.11 -9.33 9.23
N ASP D 238 -13.27 -8.33 8.37
CA ASP D 238 -14.35 -7.33 8.46
C ASP D 238 -15.27 -7.44 7.26
N GLY D 239 -15.21 -8.59 6.59
CA GLY D 239 -16.03 -8.84 5.41
C GLY D 239 -15.40 -8.54 4.05
N THR D 240 -14.16 -7.99 4.08
CA THR D 240 -13.41 -7.73 2.83
C THR D 240 -12.33 -8.80 2.73
N PHE D 241 -11.48 -8.62 1.66
CA PHE D 241 -10.48 -9.66 1.36
C PHE D 241 -9.15 -8.96 1.05
N GLN D 242 -8.13 -9.83 1.11
CA GLN D 242 -6.73 -9.38 0.88
C GLN D 242 -6.11 -10.42 -0.04
N LYS D 243 -5.06 -9.98 -0.80
CA LYS D 243 -4.24 -10.89 -1.62
C LYS D 243 -2.95 -10.13 -1.92
N TRP D 244 -1.88 -10.90 -2.16
CA TRP D 244 -0.67 -10.25 -2.75
C TRP D 244 -0.01 -11.22 -3.69
N ALA D 245 0.90 -10.60 -4.50
CA ALA D 245 1.65 -11.33 -5.56
C ALA D 245 3.05 -10.79 -5.53
N ALA D 246 4.03 -11.67 -5.46
CA ALA D 246 5.44 -11.16 -5.29
C ALA D 246 6.27 -11.79 -6.40
N LEU D 247 7.34 -11.03 -6.81
CA LEU D 247 8.30 -11.49 -7.86
C LEU D 247 9.67 -11.01 -7.41
N VAL D 248 10.67 -11.84 -7.80
CA VAL D 248 12.08 -11.40 -7.58
C VAL D 248 12.61 -10.80 -8.91
N VAL D 249 13.17 -9.61 -8.81
CA VAL D 249 13.60 -8.89 -10.01
C VAL D 249 15.11 -8.52 -9.86
N PRO D 250 15.74 -8.26 -10.99
CA PRO D 250 17.17 -7.95 -10.86
C PRO D 250 17.36 -6.60 -10.17
N PRO D 251 18.40 -6.47 -9.29
CA PRO D 251 18.67 -5.18 -8.66
C PRO D 251 18.85 -4.07 -9.71
N GLY D 252 18.26 -2.90 -9.48
CA GLY D 252 18.37 -1.80 -10.41
C GLY D 252 17.32 -1.88 -11.52
N GLU D 253 16.52 -2.96 -11.63
CA GLU D 253 15.57 -3.01 -12.74
C GLU D 253 14.10 -2.99 -12.25
N GLU D 254 13.95 -2.48 -11.05
CA GLU D 254 12.59 -2.50 -10.39
C GLU D 254 11.56 -1.73 -11.24
N GLN D 255 11.96 -0.59 -11.83
CA GLN D 255 11.00 0.29 -12.58
C GLN D 255 10.53 -0.38 -13.88
N SER D 256 11.19 -1.47 -14.29
CA SER D 256 10.76 -2.21 -15.50
C SER D 256 9.55 -3.11 -15.28
N TYR D 257 9.23 -3.32 -14.01
CA TYR D 257 8.17 -4.36 -13.71
C TYR D 257 6.92 -3.63 -13.24
N THR D 258 5.79 -4.16 -13.73
CA THR D 258 4.50 -3.57 -13.28
C THR D 258 3.54 -4.68 -12.76
N CYS D 259 2.79 -4.29 -11.72
CA CYS D 259 1.77 -5.14 -11.18
C CYS D 259 0.43 -4.68 -11.72
N HIS D 260 -0.35 -5.59 -12.28
CA HIS D 260 -1.69 -5.27 -12.87
C HIS D 260 -2.80 -5.79 -12.02
N VAL D 261 -3.67 -4.88 -11.57
CA VAL D 261 -4.68 -5.26 -10.57
C VAL D 261 -6.02 -5.11 -11.28
N GLN D 262 -6.71 -6.26 -11.36
CA GLN D 262 -8.04 -6.34 -12.02
C GLN D 262 -9.09 -6.72 -10.95
N HIS D 263 -10.06 -5.80 -10.73
CA HIS D 263 -11.15 -6.05 -9.78
C HIS D 263 -12.39 -5.34 -10.23
N GLU D 264 -13.56 -5.94 -9.91
CA GLU D 264 -14.86 -5.36 -10.30
C GLU D 264 -15.06 -3.93 -9.74
N GLY D 265 -14.47 -3.67 -8.61
CA GLY D 265 -14.66 -2.32 -8.01
C GLY D 265 -13.86 -1.22 -8.67
N LEU D 266 -12.92 -1.54 -9.54
CA LEU D 266 -12.13 -0.52 -10.20
C LEU D 266 -12.81 -0.02 -11.47
N GLN D 267 -12.68 1.26 -11.76
CA GLN D 267 -13.21 1.84 -12.97
C GLN D 267 -12.41 1.24 -14.15
N GLU D 268 -11.09 1.12 -13.94
CA GLU D 268 -10.06 0.67 -14.94
C GLU D 268 -9.05 -0.20 -14.18
N PRO D 269 -8.50 -1.25 -14.77
CA PRO D 269 -7.42 -1.97 -14.07
C PRO D 269 -6.24 -1.05 -13.74
N LEU D 270 -5.59 -1.33 -12.61
CA LEU D 270 -4.46 -0.48 -12.17
C LEU D 270 -3.17 -1.07 -12.61
N THR D 271 -2.25 -0.19 -12.95
CA THR D 271 -0.86 -0.52 -13.26
C THR D 271 0.00 0.12 -12.18
N LEU D 272 0.68 -0.69 -11.40
CA LEU D 272 1.47 -0.19 -10.24
C LEU D 272 2.92 -0.55 -10.46
N ARG D 273 3.78 0.34 -9.97
CA ARG D 273 5.25 0.09 -10.07
C ARG D 273 5.84 0.43 -8.72
N TRP D 274 7.01 -0.09 -8.46
CA TRP D 274 7.71 0.36 -7.26
C TRP D 274 8.17 1.82 -7.35
N ASP D 275 7.22 2.77 -7.10
CA ASP D 275 7.52 4.24 -6.95
C ASP D 275 6.43 5.14 -6.37
N ALA E 2 -8.25 -38.21 4.97
CA ALA E 2 -7.96 -36.89 5.67
C ALA E 2 -7.19 -35.94 4.80
N ARG E 3 -7.39 -34.65 5.08
CA ARG E 3 -6.78 -33.59 4.30
C ARG E 3 -6.14 -32.57 5.25
N PRO E 4 -4.86 -32.19 4.98
CA PRO E 4 -4.16 -31.38 5.95
C PRO E 4 -4.48 -29.87 5.84
N PRO E 5 -4.34 -29.12 6.94
CA PRO E 5 -4.66 -27.69 6.86
C PRO E 5 -3.58 -26.80 6.17
N LYS E 6 -4.03 -25.89 5.30
CA LYS E 6 -3.22 -24.77 4.83
C LYS E 6 -3.32 -23.66 5.83
N VAL E 7 -2.29 -22.91 6.14
CA VAL E 7 -2.31 -21.86 7.13
C VAL E 7 -1.70 -20.57 6.66
N GLN E 8 -2.40 -19.47 6.81
CA GLN E 8 -1.87 -18.14 6.60
C GLN E 8 -2.00 -17.28 7.81
N VAL E 9 -1.02 -16.46 8.18
CA VAL E 9 -1.03 -15.60 9.34
C VAL E 9 -0.77 -14.21 8.91
N TYR E 10 -1.57 -13.23 9.29
CA TYR E 10 -1.48 -11.89 8.68
C TYR E 10 -2.28 -10.91 9.49
N SER E 11 -2.05 -9.63 9.37
CA SER E 11 -2.84 -8.60 10.02
C SER E 11 -3.91 -8.07 9.07
N ARG E 12 -5.03 -7.59 9.68
CA ARG E 12 -6.12 -7.02 8.85
C ARG E 12 -5.64 -5.82 8.03
N HIS E 13 -4.86 -4.91 8.69
CA HIS E 13 -4.38 -3.65 8.08
C HIS E 13 -2.90 -3.70 8.09
N PRO E 14 -2.26 -2.96 7.16
CA PRO E 14 -0.77 -2.96 7.21
C PRO E 14 -0.30 -2.55 8.60
N ALA E 15 0.61 -3.29 9.19
CA ALA E 15 1.00 -2.99 10.56
C ALA E 15 1.85 -1.71 10.69
N GLU E 16 1.62 -1.03 11.80
CA GLU E 16 2.50 0.12 12.20
C GLU E 16 2.69 -0.06 13.71
N ASN E 17 3.93 -0.05 14.17
CA ASN E 17 4.14 -0.22 15.58
C ASN E 17 3.37 0.81 16.43
N GLY E 18 2.78 0.30 17.48
CA GLY E 18 1.96 1.04 18.40
C GLY E 18 0.55 1.40 17.92
N LYS E 19 0.17 0.93 16.73
CA LYS E 19 -1.22 1.18 16.25
C LYS E 19 -2.08 -0.07 16.35
N PRO E 20 -3.26 0.02 17.00
CA PRO E 20 -4.17 -1.10 17.11
C PRO E 20 -4.54 -1.68 15.77
N ASN E 21 -4.68 -2.99 15.75
CA ASN E 21 -4.91 -3.72 14.54
C ASN E 21 -5.55 -5.06 14.90
N TYR E 22 -5.66 -5.98 13.94
CA TYR E 22 -6.21 -7.33 14.14
C TYR E 22 -5.29 -8.37 13.58
N LEU E 23 -5.03 -9.42 14.36
CA LEU E 23 -4.18 -10.52 13.91
C LEU E 23 -5.05 -11.70 13.49
N ASN E 24 -4.85 -12.24 12.30
CA ASN E 24 -5.63 -13.34 11.68
C ASN E 24 -4.83 -14.58 11.49
N CYS E 25 -5.41 -15.75 11.77
CA CYS E 25 -4.87 -17.01 11.32
C CYS E 25 -5.90 -17.69 10.52
N TYR E 26 -5.72 -17.81 9.24
CA TYR E 26 -6.70 -18.40 8.32
C TYR E 26 -6.33 -19.77 7.97
N VAL E 27 -7.15 -20.77 8.33
CA VAL E 27 -6.83 -22.17 8.22
C VAL E 27 -7.84 -22.84 7.33
N SER E 28 -7.45 -23.57 6.32
CA SER E 28 -8.33 -23.98 5.25
C SER E 28 -7.93 -25.30 4.65
N GLY E 29 -8.86 -25.90 3.90
CA GLY E 29 -8.59 -27.11 3.15
C GLY E 29 -8.50 -28.40 3.95
N PHE E 30 -9.00 -28.42 5.21
CA PHE E 30 -8.75 -29.56 6.08
C PHE E 30 -9.99 -30.47 6.28
N HIS E 31 -9.76 -31.73 6.58
CA HIS E 31 -10.86 -32.67 6.96
C HIS E 31 -10.13 -33.80 7.75
N PRO E 32 -10.60 -34.29 8.91
CA PRO E 32 -11.93 -33.91 9.42
C PRO E 32 -11.91 -32.53 10.07
N PRO E 33 -13.11 -32.08 10.48
CA PRO E 33 -13.15 -30.74 11.07
C PRO E 33 -12.56 -30.52 12.44
N GLN E 34 -12.33 -31.55 13.24
CA GLN E 34 -11.68 -31.37 14.54
C GLN E 34 -10.29 -30.75 14.34
N ILE E 35 -10.03 -29.63 15.00
CA ILE E 35 -8.74 -28.93 14.82
C ILE E 35 -8.49 -28.06 16.02
N GLU E 36 -7.23 -27.83 16.40
CA GLU E 36 -6.92 -26.83 17.43
C GLU E 36 -6.07 -25.71 16.78
N ILE E 37 -6.53 -24.47 16.82
CA ILE E 37 -5.91 -23.34 16.17
C ILE E 37 -5.68 -22.29 17.25
N ASP E 38 -4.42 -22.02 17.58
CA ASP E 38 -4.07 -21.03 18.58
C ASP E 38 -3.20 -19.93 18.02
N LEU E 39 -3.56 -18.69 18.30
CA LEU E 39 -2.64 -17.59 18.12
C LEU E 39 -1.74 -17.49 19.31
N LEU E 40 -0.45 -17.21 19.08
CA LEU E 40 0.57 -17.22 20.16
C LEU E 40 1.29 -15.86 20.15
N LYS E 41 1.45 -15.27 21.33
CA LYS E 41 2.20 -14.06 21.54
C LYS E 41 3.43 -14.47 22.33
N ASN E 42 4.60 -14.26 21.73
CA ASN E 42 5.86 -14.69 22.34
C ASN E 42 5.75 -16.11 22.84
N GLY E 43 5.16 -16.98 22.00
CA GLY E 43 5.05 -18.38 22.31
C GLY E 43 3.93 -18.81 23.30
N GLU E 44 3.19 -17.82 23.83
CA GLU E 44 2.16 -18.06 24.81
C GLU E 44 0.77 -17.94 24.14
N LYS E 45 -0.17 -18.81 24.52
CA LYS E 45 -1.49 -18.80 23.84
C LYS E 45 -2.25 -17.51 24.14
N MET E 46 -2.76 -16.87 23.09
CA MET E 46 -3.70 -15.72 23.25
C MET E 46 -5.14 -16.22 23.28
N ASN E 47 -6.01 -15.43 23.93
CA ASN E 47 -7.42 -15.84 23.92
C ASN E 47 -8.08 -15.12 22.77
N ALA E 48 -8.36 -15.82 21.70
CA ALA E 48 -8.82 -15.23 20.42
C ALA E 48 -10.26 -15.69 20.11
N GLU E 49 -10.84 -15.11 19.10
CA GLU E 49 -12.16 -15.56 18.65
C GLU E 49 -12.00 -16.47 17.45
N GLN E 50 -12.92 -17.34 17.18
CA GLN E 50 -12.86 -18.26 16.06
C GLN E 50 -14.18 -18.17 15.29
N SER E 51 -14.07 -18.08 13.98
CA SER E 51 -15.25 -17.98 13.09
C SER E 51 -16.13 -19.29 13.20
N ASP E 52 -17.31 -19.15 12.62
CA ASP E 52 -18.29 -20.28 12.62
C ASP E 52 -17.78 -21.25 11.54
N LEU E 53 -17.65 -22.51 11.88
CA LEU E 53 -17.27 -23.54 10.86
C LEU E 53 -18.03 -23.48 9.51
N SER E 54 -17.26 -23.42 8.40
CA SER E 54 -17.84 -23.44 7.10
C SER E 54 -16.93 -24.27 6.20
N PHE E 55 -17.30 -24.44 4.94
CA PHE E 55 -16.52 -25.31 4.05
C PHE E 55 -16.72 -24.91 2.60
N SER E 56 -15.72 -25.31 1.81
CA SER E 56 -15.69 -24.99 0.38
C SER E 56 -16.41 -26.03 -0.45
N LYS E 57 -16.51 -25.76 -1.75
CA LYS E 57 -17.26 -26.66 -2.71
C LYS E 57 -16.66 -28.08 -2.75
N ASP E 58 -15.41 -28.18 -2.37
CA ASP E 58 -14.76 -29.51 -2.35
C ASP E 58 -14.93 -30.23 -0.98
N TRP E 59 -15.81 -29.64 -0.13
CA TRP E 59 -16.16 -30.15 1.24
C TRP E 59 -15.12 -29.80 2.33
N SER E 60 -13.92 -29.31 1.94
CA SER E 60 -12.96 -29.09 2.98
C SER E 60 -13.29 -27.85 3.81
N PHE E 61 -12.87 -27.89 5.07
CA PHE E 61 -13.26 -26.85 6.03
C PHE E 61 -12.33 -25.65 6.07
N TYR E 62 -12.82 -24.52 6.51
CA TYR E 62 -11.98 -23.36 6.77
C TYR E 62 -12.44 -22.61 7.98
N LEU E 63 -11.50 -22.04 8.71
CA LEU E 63 -11.71 -21.25 9.93
C LEU E 63 -10.84 -20.03 9.93
N LEU E 64 -11.29 -18.95 10.49
CA LEU E 64 -10.57 -17.74 10.80
C LEU E 64 -10.46 -17.57 12.33
N VAL E 65 -9.26 -17.62 12.88
CA VAL E 65 -9.00 -17.28 14.27
C VAL E 65 -8.42 -15.87 14.33
N HIS E 66 -8.95 -15.00 15.17
CA HIS E 66 -8.60 -13.61 15.13
C HIS E 66 -8.71 -12.95 16.47
N THR E 67 -7.91 -11.91 16.68
CA THR E 67 -7.85 -11.10 17.90
C THR E 67 -7.36 -9.70 17.60
N GLU E 68 -7.78 -8.75 18.41
CA GLU E 68 -7.18 -7.42 18.43
C GLU E 68 -5.75 -7.52 18.93
N PHE E 69 -4.87 -6.72 18.34
CA PHE E 69 -3.51 -6.61 18.87
C PHE E 69 -2.94 -5.29 18.50
N THR E 70 -1.92 -4.85 19.22
CA THR E 70 -1.12 -3.63 18.85
C THR E 70 0.33 -4.06 18.63
N PRO E 71 0.66 -4.31 17.37
CA PRO E 71 2.04 -4.76 17.04
C PRO E 71 3.04 -3.74 17.51
N ASN E 72 4.24 -4.22 17.82
CA ASN E 72 5.34 -3.27 18.11
C ASN E 72 6.68 -3.89 17.63
N ALA E 73 7.78 -3.30 18.01
CA ALA E 73 9.04 -3.74 17.41
C ALA E 73 9.56 -5.06 18.00
N VAL E 74 9.00 -5.52 19.12
CA VAL E 74 9.63 -6.59 19.91
C VAL E 74 8.77 -7.86 20.05
N ASP E 75 7.44 -7.72 20.18
CA ASP E 75 6.58 -8.92 20.32
C ASP E 75 6.55 -9.81 19.09
N GLN E 76 6.67 -11.12 19.26
CA GLN E 76 6.64 -12.11 18.19
C GLN E 76 5.25 -12.79 18.22
N TYR E 77 4.60 -12.87 17.06
CA TYR E 77 3.33 -13.59 16.97
C TYR E 77 3.43 -14.75 16.03
N SER E 78 2.63 -15.76 16.26
CA SER E 78 2.57 -16.92 15.36
C SER E 78 1.22 -17.59 15.57
N CYS E 79 0.95 -18.57 14.72
CA CYS E 79 -0.26 -19.39 14.78
C CYS E 79 0.19 -20.85 14.91
N ARG E 80 -0.41 -21.59 15.82
CA ARG E 80 -0.05 -23.02 16.01
C ARG E 80 -1.30 -23.86 15.74
N VAL E 81 -1.19 -24.86 14.90
CA VAL E 81 -2.29 -25.68 14.46
C VAL E 81 -2.02 -27.12 14.76
N LYS E 82 -3.00 -27.79 15.41
CA LYS E 82 -2.95 -29.24 15.68
C LYS E 82 -4.08 -29.90 14.91
N HIS E 83 -3.79 -31.02 14.26
CA HIS E 83 -4.74 -31.71 13.39
C HIS E 83 -4.27 -33.16 13.21
N VAL E 84 -5.19 -34.09 12.99
CA VAL E 84 -4.82 -35.52 12.96
C VAL E 84 -3.83 -35.77 11.83
N THR E 85 -3.89 -34.95 10.79
CA THR E 85 -2.98 -35.09 9.67
C THR E 85 -1.52 -34.63 9.98
N LEU E 86 -1.31 -33.94 11.09
CA LEU E 86 -0.02 -33.33 11.41
C LEU E 86 0.60 -34.07 12.58
N ASP E 87 1.81 -34.54 12.31
CA ASP E 87 2.60 -35.35 13.29
C ASP E 87 3.05 -34.52 14.51
N LYS E 88 3.35 -33.29 14.27
CA LYS E 88 3.70 -32.28 15.26
C LYS E 88 2.84 -31.01 15.00
N PRO E 89 2.65 -30.17 16.02
CA PRO E 89 1.91 -28.95 15.72
C PRO E 89 2.59 -28.12 14.66
N LYS E 90 1.80 -27.55 13.79
CA LYS E 90 2.31 -26.69 12.75
C LYS E 90 2.34 -25.25 13.22
N ILE E 91 3.47 -24.61 13.06
CA ILE E 91 3.61 -23.27 13.56
C ILE E 91 4.00 -22.37 12.38
N VAL E 92 3.26 -21.31 12.19
CA VAL E 92 3.48 -20.28 11.19
C VAL E 92 3.69 -18.97 11.89
N LYS E 93 4.85 -18.31 11.60
CA LYS E 93 5.08 -16.98 12.17
C LYS E 93 4.31 -15.90 11.50
N TRP E 94 4.02 -14.85 12.24
CA TRP E 94 3.45 -13.65 11.57
C TRP E 94 4.66 -12.79 11.14
N ASP E 95 4.62 -12.32 9.91
CA ASP E 95 5.49 -11.28 9.45
C ASP E 95 4.64 -10.18 8.84
N ARG E 96 4.96 -8.93 9.19
CA ARG E 96 4.16 -7.83 8.74
C ARG E 96 4.10 -7.62 7.25
N ASP E 97 5.07 -8.18 6.50
CA ASP E 97 4.97 -8.01 5.04
C ASP E 97 4.59 -9.25 4.30
N HIS E 98 3.90 -10.15 5.00
CA HIS E 98 3.37 -11.38 4.36
C HIS E 98 1.88 -11.54 4.76
N LYS F 1 -33.28 -17.03 3.62
CA LYS F 1 -34.16 -17.88 4.52
C LYS F 1 -33.92 -19.38 4.18
N MET F 2 -33.67 -20.19 5.18
CA MET F 2 -33.47 -21.62 5.05
C MET F 2 -34.68 -22.41 4.64
N ASN F 3 -34.47 -23.55 4.02
CA ASN F 3 -35.54 -24.47 3.68
C ASN F 3 -35.86 -25.27 4.95
N THR F 4 -37.06 -25.92 4.88
CA THR F 4 -37.51 -26.78 5.99
C THR F 4 -37.05 -28.18 5.62
N GLN F 5 -36.70 -28.96 6.59
CA GLN F 5 -36.31 -30.37 6.31
C GLN F 5 -37.15 -31.28 7.24
N PHE F 6 -37.99 -32.05 6.62
CA PHE F 6 -38.89 -32.98 7.38
C PHE F 6 -38.31 -34.35 7.48
N THR F 7 -37.17 -34.63 6.79
CA THR F 7 -36.73 -36.07 6.65
C THR F 7 -35.26 -36.32 6.98
N ALA F 8 -35.00 -37.42 7.66
CA ALA F 8 -33.62 -37.90 7.86
C ALA F 8 -33.20 -38.75 6.65
N VAL F 9 -31.89 -38.97 6.55
CA VAL F 9 -31.35 -39.87 5.49
C VAL F 9 -31.68 -41.31 5.76
#